data_5OJV
#
_entry.id   5OJV
#
_cell.length_a   87.792
_cell.length_b   158.242
_cell.length_c   87.589
_cell.angle_alpha   90.00
_cell.angle_beta   90.00
_cell.angle_gamma   90.00
#
_symmetry.space_group_name_H-M   'P 21 21 2'
#
loop_
_entity.id
_entity.type
_entity.pdbx_description
1 polymer 'Uncharacterized protein'
2 non-polymer GLYCEROL
3 non-polymer '(2R)-3-hydroxy-2-(alpha-D-mannopyranosyloxy)propanoic acid'
4 non-polymer SERINE
5 water water
#
_entity_poly.entity_id   1
_entity_poly.type   'polypeptide(L)'
_entity_poly.pdbx_seq_one_letter_code
;GAMPHDPSFTPTQLAARAAYLLRGNDLGTMTTAAPLLYPHMWSWDAAFVAIGLAPLSVERAVVELDTLLSAQWRNGMIPH
IVFANGVDGYFPGPARWATATLADNAPRNRLTSGITQPPVHAIAVQRILEHARTRGRSTRAVAEAFLDRRWGDLMRWHRW
LAECRDRNERGRITLYHGWESGMDNSPRWDSAYANVVPGKLPEYQRADNVIITDPSQRPSDGEYDRYLWLLEEMKAVRYD
DERLPSVMSFQVEDVFFSAIFSVACQVLAEIGEDYKRPHADVKDLYLWAERFRAGVVETTDQRTGAARDFDVLAEKWLVT
ETAAQFAPLLCGGLPHDRERALLKLLEGPRFCGHPDLKYGLIPSTSPVSRDFRPREYWRGPVWPVLTWLFSWCFARRGWA
ERARLLRQEGLRQASDGSFAAYYEPFTGEPLGSMQQSWTAAAVLDWLG
;
_entity_poly.pdbx_strand_id   A,B
#
# COMPACT_ATOMS: atom_id res chain seq x y z
N PRO A 4 36.71 3.24 3.85
CA PRO A 4 37.58 2.07 3.67
C PRO A 4 36.84 0.80 3.23
N HIS A 5 36.65 -0.17 4.13
CA HIS A 5 36.09 -1.46 3.74
C HIS A 5 34.63 -1.35 3.28
N ASP A 6 33.86 -0.46 3.91
CA ASP A 6 32.51 -0.14 3.43
C ASP A 6 32.24 1.34 3.67
N PRO A 7 32.16 2.15 2.61
CA PRO A 7 31.96 3.60 2.79
C PRO A 7 30.54 4.00 3.16
N SER A 8 29.64 3.06 3.42
CA SER A 8 28.25 3.43 3.60
C SER A 8 27.93 3.70 5.07
N PHE A 9 26.82 4.38 5.29
CA PHE A 9 26.35 4.80 6.60
C PHE A 9 25.25 3.88 7.09
N THR A 10 25.17 3.72 8.42
CA THR A 10 24.02 3.08 9.07
C THR A 10 22.75 3.91 8.83
N PRO A 11 21.56 3.30 8.99
CA PRO A 11 20.32 4.07 8.83
C PRO A 11 20.25 5.33 9.72
N THR A 12 20.74 5.26 10.95
CA THR A 12 20.68 6.45 11.79
C THR A 12 21.70 7.49 11.36
N GLN A 13 22.90 7.08 10.95
CA GLN A 13 23.83 8.09 10.46
C GLN A 13 23.32 8.75 9.18
N LEU A 14 22.70 7.96 8.30
CA LEU A 14 22.17 8.49 7.05
C LEU A 14 21.01 9.47 7.28
N ALA A 15 20.07 9.09 8.15
CA ALA A 15 18.97 9.98 8.49
C ALA A 15 19.49 11.28 9.11
N ALA A 16 20.49 11.19 9.97
CA ALA A 16 21.10 12.37 10.57
C ALA A 16 21.74 13.26 9.49
N ARG A 17 22.51 12.68 8.59
CA ARG A 17 23.16 13.49 7.57
C ARG A 17 22.16 14.09 6.60
N ALA A 18 21.04 13.40 6.33
CA ALA A 18 20.01 13.96 5.45
C ALA A 18 19.36 15.18 6.10
N ALA A 19 19.05 15.07 7.39
CA ALA A 19 18.46 16.19 8.10
C ALA A 19 19.45 17.35 8.21
N TYR A 20 20.72 17.03 8.45
CA TYR A 20 21.74 18.07 8.55
C TYR A 20 21.87 18.83 7.23
N LEU A 21 21.82 18.10 6.12
N LEU A 21 21.80 18.11 6.11
CA LEU A 21 21.85 18.72 4.79
CA LEU A 21 21.85 18.73 4.80
C LEU A 21 20.65 19.67 4.60
C LEU A 21 20.65 19.67 4.58
N LEU A 22 19.44 19.20 4.91
CA LEU A 22 18.24 20.01 4.67
C LEU A 22 18.28 21.29 5.47
N ARG A 23 18.68 21.20 6.75
CA ARG A 23 18.80 22.43 7.53
C ARG A 23 19.92 23.32 6.99
N GLY A 24 20.99 22.72 6.43
CA GLY A 24 22.08 23.51 5.88
C GLY A 24 21.69 24.28 4.63
N ASN A 25 20.74 23.76 3.85
CA ASN A 25 20.27 24.45 2.65
C ASN A 25 19.14 25.42 2.95
N ASP A 26 18.73 25.55 4.20
CA ASP A 26 17.65 26.44 4.61
C ASP A 26 18.15 27.88 4.68
N LEU A 27 17.61 28.76 3.82
CA LEU A 27 17.92 30.19 3.88
C LEU A 27 17.06 30.95 4.89
N GLY A 28 16.03 30.32 5.46
CA GLY A 28 15.22 30.99 6.46
C GLY A 28 13.76 30.62 6.29
N THR A 29 13.20 30.96 5.13
CA THR A 29 11.85 30.57 4.78
C THR A 29 11.81 29.77 3.49
N MET A 30 12.95 29.51 2.88
CA MET A 30 13.01 28.67 1.69
C MET A 30 14.28 27.84 1.75
N THR A 31 14.24 26.66 1.12
CA THR A 31 15.38 25.75 1.08
C THR A 31 15.90 25.73 -0.36
N THR A 32 17.19 25.98 -0.53
CA THR A 32 17.74 25.89 -1.87
C THR A 32 17.62 24.45 -2.36
N ALA A 33 17.46 24.29 -3.67
CA ALA A 33 17.41 22.94 -4.23
C ALA A 33 18.78 22.26 -4.16
N ALA A 34 19.86 23.03 -4.32
CA ALA A 34 21.24 22.57 -4.10
C ALA A 34 22.10 23.77 -3.74
N PRO A 35 23.21 23.57 -3.01
CA PRO A 35 23.98 24.72 -2.48
C PRO A 35 24.49 25.70 -3.52
N LEU A 36 25.14 25.24 -4.58
CA LEU A 36 25.68 26.15 -5.58
C LEU A 36 25.02 26.03 -6.93
N LEU A 37 24.66 24.83 -7.36
CA LEU A 37 24.09 24.68 -8.70
C LEU A 37 22.73 25.33 -8.80
N TYR A 38 21.90 25.14 -7.77
CA TYR A 38 20.49 25.55 -7.76
C TYR A 38 20.20 26.37 -6.51
N PRO A 39 20.79 27.57 -6.37
CA PRO A 39 20.77 28.26 -5.07
C PRO A 39 19.50 29.04 -4.82
N HIS A 40 18.37 28.56 -5.35
CA HIS A 40 17.06 29.17 -5.15
C HIS A 40 16.04 28.07 -4.84
N MET A 41 14.77 28.46 -4.70
CA MET A 41 13.69 27.52 -4.45
C MET A 41 13.12 27.06 -5.79
N TRP A 42 13.10 25.74 -6.03
CA TRP A 42 12.44 25.17 -7.19
C TRP A 42 11.09 24.56 -6.77
N SER A 43 10.11 24.57 -7.69
CA SER A 43 8.76 24.23 -7.30
C SER A 43 8.62 22.74 -6.90
N TRP A 44 9.01 21.80 -7.75
CA TRP A 44 8.71 20.46 -7.26
C TRP A 44 9.75 19.96 -6.27
N ASP A 45 11.00 20.47 -6.30
CA ASP A 45 11.90 20.24 -5.18
C ASP A 45 11.28 20.72 -3.86
N ALA A 46 10.62 21.89 -3.87
CA ALA A 46 10.08 22.42 -2.63
C ALA A 46 9.02 21.50 -2.04
N ALA A 47 8.22 20.86 -2.90
CA ALA A 47 7.25 19.89 -2.40
C ALA A 47 7.97 18.70 -1.77
N PHE A 48 9.06 18.22 -2.39
CA PHE A 48 9.79 17.12 -1.78
C PHE A 48 10.48 17.59 -0.51
N VAL A 49 10.99 18.83 -0.51
CA VAL A 49 11.63 19.34 0.70
C VAL A 49 10.64 19.33 1.85
N ALA A 50 9.41 19.79 1.60
CA ALA A 50 8.42 19.79 2.67
C ALA A 50 8.11 18.38 3.16
N ILE A 51 8.15 17.38 2.26
CA ILE A 51 7.97 15.98 2.68
C ILE A 51 9.10 15.55 3.60
N GLY A 52 10.35 15.94 3.27
CA GLY A 52 11.47 15.62 4.12
C GLY A 52 11.51 16.38 5.43
N LEU A 53 10.91 17.57 5.47
CA LEU A 53 10.90 18.34 6.71
C LEU A 53 9.80 17.87 7.63
N ALA A 54 8.73 17.28 7.09
CA ALA A 54 7.58 16.92 7.92
C ALA A 54 7.94 16.08 9.14
N PRO A 55 8.85 15.08 9.07
CA PRO A 55 9.24 14.36 10.29
C PRO A 55 10.12 15.18 11.22
N LEU A 56 10.70 16.31 10.77
CA LEU A 56 11.56 17.12 11.62
C LEU A 56 10.81 18.29 12.26
N SER A 57 9.96 18.95 11.50
CA SER A 57 9.21 20.09 12.01
C SER A 57 8.03 20.32 11.09
N VAL A 58 6.82 20.01 11.56
CA VAL A 58 5.64 20.28 10.74
C VAL A 58 5.52 21.77 10.48
N GLU A 59 5.90 22.58 11.48
CA GLU A 59 5.87 24.02 11.34
C GLU A 59 6.75 24.48 10.20
N ARG A 60 7.99 23.97 10.14
CA ARG A 60 8.88 24.40 9.06
C ARG A 60 8.47 23.80 7.72
N ALA A 61 7.90 22.58 7.71
CA ALA A 61 7.37 22.06 6.44
C ALA A 61 6.27 22.97 5.89
N VAL A 62 5.36 23.40 6.74
CA VAL A 62 4.28 24.26 6.28
C VAL A 62 4.83 25.59 5.76
N VAL A 63 5.90 26.11 6.40
CA VAL A 63 6.51 27.36 5.96
C VAL A 63 7.07 27.22 4.54
N GLU A 64 7.67 26.07 4.23
CA GLU A 64 8.18 25.87 2.87
C GLU A 64 7.06 26.03 1.86
N LEU A 65 5.92 25.35 2.05
CA LEU A 65 4.85 25.48 1.08
C LEU A 65 4.22 26.87 1.09
N ASP A 66 4.16 27.52 2.27
CA ASP A 66 3.66 28.90 2.32
C ASP A 66 4.52 29.83 1.48
N THR A 67 5.85 29.69 1.60
CA THR A 67 6.73 30.54 0.80
C THR A 67 6.53 30.30 -0.69
N LEU A 68 6.40 29.04 -1.11
CA LEU A 68 6.15 28.79 -2.53
C LEU A 68 4.82 29.38 -2.96
N LEU A 69 3.75 29.14 -2.18
CA LEU A 69 2.46 29.68 -2.57
C LEU A 69 2.38 31.19 -2.48
N SER A 70 3.22 31.85 -1.66
CA SER A 70 3.20 33.32 -1.72
C SER A 70 3.77 33.83 -3.03
N ALA A 71 4.40 32.98 -3.84
CA ALA A 71 4.94 33.38 -5.13
C ALA A 71 4.04 32.96 -6.29
N GLN A 72 2.87 32.40 -5.98
CA GLN A 72 1.94 31.95 -7.00
C GLN A 72 1.46 33.15 -7.83
N TRP A 73 1.36 32.95 -9.14
CA TRP A 73 0.88 34.01 -10.02
C TRP A 73 -0.61 34.28 -9.82
N ARG A 74 -1.04 35.45 -10.30
CA ARG A 74 -2.41 35.88 -10.08
C ARG A 74 -3.44 34.98 -10.77
N ASN A 75 -3.04 34.29 -11.83
CA ASN A 75 -3.93 33.37 -12.52
C ASN A 75 -3.88 31.96 -11.92
N GLY A 76 -3.07 31.73 -10.89
CA GLY A 76 -2.97 30.43 -10.24
C GLY A 76 -1.68 29.68 -10.52
N MET A 77 -0.91 30.06 -11.55
CA MET A 77 0.28 29.30 -11.89
C MET A 77 1.29 29.36 -10.76
N ILE A 78 1.83 28.20 -10.40
CA ILE A 78 2.98 28.12 -9.50
C ILE A 78 4.22 28.10 -10.38
N PRO A 79 5.11 29.10 -10.27
CA PRO A 79 6.27 29.16 -11.16
C PRO A 79 7.33 28.20 -10.68
N HIS A 80 8.21 27.79 -11.59
CA HIS A 80 9.12 26.71 -11.22
C HIS A 80 10.33 27.21 -10.45
N ILE A 81 10.66 28.50 -10.49
CA ILE A 81 11.69 29.06 -9.63
C ILE A 81 11.12 30.23 -8.85
N VAL A 82 11.43 30.27 -7.56
CA VAL A 82 11.27 31.45 -6.70
C VAL A 82 12.68 31.87 -6.31
N PHE A 83 13.14 32.99 -6.85
CA PHE A 83 14.52 33.41 -6.64
C PHE A 83 14.69 33.92 -5.24
N ALA A 84 15.87 33.64 -4.68
CA ALA A 84 16.24 34.18 -3.39
C ALA A 84 16.81 35.58 -3.57
N ASN A 85 16.33 36.52 -2.77
CA ASN A 85 16.73 37.91 -2.98
C ASN A 85 18.22 38.06 -2.77
N GLY A 86 18.88 38.73 -3.72
CA GLY A 86 20.30 39.02 -3.63
C GLY A 86 21.22 37.88 -3.98
N VAL A 87 20.71 36.74 -4.42
CA VAL A 87 21.51 35.55 -4.67
C VAL A 87 21.78 35.45 -6.17
N ASP A 88 23.05 35.27 -6.53
CA ASP A 88 23.50 35.10 -7.91
C ASP A 88 24.07 33.70 -8.12
N GLY A 89 24.54 33.44 -9.34
CA GLY A 89 25.22 32.19 -9.64
C GLY A 89 24.39 31.16 -10.37
N TYR A 90 23.12 31.43 -10.64
CA TYR A 90 22.28 30.60 -11.50
C TYR A 90 21.82 31.42 -12.70
N PHE A 91 21.91 30.82 -13.89
CA PHE A 91 21.37 31.39 -15.12
C PHE A 91 20.45 30.38 -15.79
N PRO A 92 19.27 30.81 -16.27
CA PRO A 92 18.79 32.19 -16.35
C PRO A 92 18.20 32.77 -15.06
N GLY A 93 18.73 33.92 -14.65
CA GLY A 93 18.31 34.61 -13.45
C GLY A 93 17.14 35.52 -13.69
N PRO A 94 16.71 36.23 -12.64
CA PRO A 94 15.51 37.06 -12.74
C PRO A 94 15.57 38.12 -13.82
N ALA A 95 16.75 38.67 -14.10
CA ALA A 95 16.85 39.68 -15.15
C ALA A 95 16.52 39.08 -16.51
N ARG A 96 16.98 37.85 -16.78
CA ARG A 96 16.73 37.24 -18.07
C ARG A 96 15.25 36.93 -18.25
N TRP A 97 14.59 36.42 -17.20
CA TRP A 97 13.16 36.11 -17.28
C TRP A 97 12.34 37.38 -17.50
N ALA A 98 12.65 38.43 -16.74
CA ALA A 98 11.98 39.73 -16.82
C ALA A 98 10.49 39.62 -16.55
N THR A 99 10.07 38.63 -15.76
CA THR A 99 8.65 38.51 -15.40
C THR A 99 8.20 39.67 -14.52
N ALA A 100 9.06 40.18 -13.65
CA ALA A 100 8.64 41.28 -12.78
C ALA A 100 8.21 42.49 -13.60
N THR A 101 8.82 42.73 -14.76
CA THR A 101 8.41 43.87 -15.56
C THR A 101 7.40 43.51 -16.65
N LEU A 102 7.47 42.30 -17.23
CA LEU A 102 6.65 42.02 -18.41
C LEU A 102 5.33 41.32 -18.10
N ALA A 103 5.23 40.58 -17.00
CA ALA A 103 4.12 39.65 -16.79
C ALA A 103 3.08 40.27 -15.88
N ASP A 104 1.90 40.60 -16.42
CA ASP A 104 0.81 41.12 -15.61
C ASP A 104 0.46 40.23 -14.43
N ASN A 105 0.63 38.91 -14.56
CA ASN A 105 0.20 37.97 -13.51
C ASN A 105 1.29 37.61 -12.53
N ALA A 106 2.52 38.13 -12.71
CA ALA A 106 3.60 37.80 -11.78
C ALA A 106 3.27 38.32 -10.37
N PRO A 107 3.83 37.72 -9.32
CA PRO A 107 3.51 38.16 -7.96
C PRO A 107 4.27 39.44 -7.61
N ARG A 108 3.78 40.12 -6.57
CA ARG A 108 4.43 41.28 -6.01
C ARG A 108 5.33 40.87 -4.85
N ASN A 109 6.53 41.45 -4.78
CA ASN A 109 7.48 41.20 -3.71
C ASN A 109 7.97 39.75 -3.67
N ARG A 110 7.95 39.07 -4.81
CA ARG A 110 8.72 37.86 -5.06
C ARG A 110 9.21 37.91 -6.49
N LEU A 111 10.46 37.49 -6.73
CA LEU A 111 10.95 37.33 -8.09
C LEU A 111 10.84 35.86 -8.47
N THR A 112 10.28 35.57 -9.65
CA THR A 112 10.04 34.19 -10.08
C THR A 112 10.38 34.01 -11.55
N SER A 113 10.45 32.75 -11.97
CA SER A 113 10.49 32.41 -13.39
C SER A 113 9.11 32.59 -14.01
N GLY A 114 8.99 32.27 -15.30
CA GLY A 114 7.74 32.45 -16.00
C GLY A 114 7.14 31.16 -16.56
N ILE A 115 7.61 30.01 -16.10
CA ILE A 115 7.07 28.73 -16.51
C ILE A 115 6.75 27.92 -15.24
N THR A 116 6.12 26.77 -15.44
CA THR A 116 5.62 25.97 -14.34
C THR A 116 6.42 24.67 -14.18
N GLN A 117 5.89 23.73 -13.38
CA GLN A 117 6.54 22.45 -13.09
C GLN A 117 5.48 21.50 -12.49
N PRO A 118 5.79 20.20 -12.38
CA PRO A 118 4.74 19.22 -12.08
C PRO A 118 4.08 19.46 -10.74
N PRO A 119 2.77 19.12 -10.62
CA PRO A 119 2.01 19.41 -9.39
C PRO A 119 2.07 18.30 -8.34
N VAL A 120 3.26 18.06 -7.77
CA VAL A 120 3.38 17.11 -6.67
C VAL A 120 2.95 17.71 -5.33
N HIS A 121 2.54 18.98 -5.29
CA HIS A 121 2.33 19.70 -4.04
C HIS A 121 1.26 19.07 -3.14
N ALA A 122 0.14 18.62 -3.71
CA ALA A 122 -0.89 17.94 -2.92
C ALA A 122 -0.32 16.71 -2.20
N ILE A 123 0.67 16.05 -2.81
CA ILE A 123 1.27 14.87 -2.16
C ILE A 123 2.07 15.30 -0.93
N ALA A 124 2.78 16.41 -1.01
CA ALA A 124 3.45 16.91 0.19
C ALA A 124 2.45 17.31 1.27
N VAL A 125 1.37 17.95 0.89
CA VAL A 125 0.31 18.27 1.85
C VAL A 125 -0.20 17.00 2.55
N GLN A 126 -0.43 15.92 1.79
CA GLN A 126 -0.88 14.69 2.43
C GLN A 126 0.15 14.17 3.44
N ARG A 127 1.44 14.18 3.07
CA ARG A 127 2.49 13.69 3.99
C ARG A 127 2.59 14.57 5.23
N ILE A 128 2.43 15.89 5.08
CA ILE A 128 2.43 16.77 6.25
C ILE A 128 1.25 16.43 7.17
N LEU A 129 0.07 16.19 6.61
CA LEU A 129 -1.07 15.88 7.46
C LEU A 129 -0.91 14.54 8.16
N GLU A 130 -0.33 13.55 7.46
CA GLU A 130 -0.14 12.24 8.09
C GLU A 130 0.85 12.32 9.24
N HIS A 131 1.98 13.02 9.05
CA HIS A 131 2.88 13.31 10.17
C HIS A 131 2.17 14.06 11.28
N ALA A 132 1.45 15.13 10.95
CA ALA A 132 0.85 15.96 12.00
C ALA A 132 -0.14 15.16 12.84
N ARG A 133 -0.92 14.28 12.21
CA ARG A 133 -1.88 13.50 12.98
C ARG A 133 -1.21 12.57 13.97
N THR A 134 0.04 12.17 13.76
CA THR A 134 0.72 11.35 14.76
C THR A 134 1.30 12.16 15.90
N ARG A 135 1.32 13.50 15.83
CA ARG A 135 2.09 14.29 16.78
C ARG A 135 1.28 15.02 17.84
N GLY A 136 -0.04 14.96 17.83
CA GLY A 136 -0.77 15.63 18.90
C GLY A 136 -1.38 16.96 18.45
N ARG A 137 -2.09 17.56 19.41
CA ARG A 137 -3.12 18.56 19.08
C ARG A 137 -2.51 19.85 18.53
N SER A 138 -1.41 20.31 19.11
CA SER A 138 -0.85 21.58 18.65
C SER A 138 -0.25 21.45 17.26
N THR A 139 0.36 20.30 16.97
CA THR A 139 0.90 20.07 15.64
C THR A 139 -0.23 19.92 14.62
N ARG A 140 -1.30 19.19 14.99
CA ARG A 140 -2.48 19.12 14.14
C ARG A 140 -3.03 20.50 13.83
N ALA A 141 -3.07 21.39 14.83
CA ALA A 141 -3.62 22.72 14.62
C ALA A 141 -2.79 23.50 13.61
N VAL A 142 -1.47 23.32 13.62
CA VAL A 142 -0.59 23.96 12.64
C VAL A 142 -0.90 23.49 11.23
N ALA A 143 -1.00 22.17 11.03
CA ALA A 143 -1.32 21.64 9.71
C ALA A 143 -2.69 22.14 9.25
N GLU A 144 -3.68 22.07 10.13
CA GLU A 144 -5.03 22.48 9.75
C GLU A 144 -5.11 23.97 9.47
N ALA A 145 -4.36 24.77 10.23
CA ALA A 145 -4.37 26.20 9.94
C ALA A 145 -3.76 26.49 8.58
N PHE A 146 -2.74 25.71 8.18
CA PHE A 146 -2.21 25.81 6.82
C PHE A 146 -3.29 25.52 5.77
N LEU A 147 -4.10 24.48 5.99
CA LEU A 147 -5.19 24.17 5.06
C LEU A 147 -6.20 25.31 4.96
N ASP A 148 -6.61 25.88 6.10
CA ASP A 148 -7.52 27.03 6.06
C ASP A 148 -6.94 28.15 5.23
N ARG A 149 -5.66 28.43 5.42
CA ARG A 149 -5.01 29.57 4.79
C ARG A 149 -4.72 29.32 3.32
N ARG A 150 -4.47 28.08 2.89
CA ARG A 150 -3.94 27.80 1.57
C ARG A 150 -4.80 26.88 0.70
N TRP A 151 -5.93 26.38 1.21
CA TRP A 151 -6.80 25.55 0.38
C TRP A 151 -7.19 26.29 -0.91
N GLY A 152 -7.56 27.56 -0.79
CA GLY A 152 -7.94 28.31 -1.97
C GLY A 152 -6.82 28.42 -3.00
N ASP A 153 -5.59 28.67 -2.53
CA ASP A 153 -4.43 28.75 -3.41
C ASP A 153 -4.17 27.42 -4.09
N LEU A 154 -4.37 26.31 -3.38
CA LEU A 154 -4.14 25.02 -4.00
C LEU A 154 -5.18 24.73 -5.07
N MET A 155 -6.45 25.11 -4.82
CA MET A 155 -7.48 24.97 -5.84
C MET A 155 -7.17 25.80 -7.07
N ARG A 156 -6.70 27.03 -6.87
N ARG A 156 -6.71 27.04 -6.86
CA ARG A 156 -6.42 27.91 -8.01
CA ARG A 156 -6.38 27.93 -7.97
C ARG A 156 -5.24 27.38 -8.83
C ARG A 156 -5.27 27.34 -8.83
N TRP A 157 -4.27 26.73 -8.18
CA TRP A 157 -3.19 26.05 -8.88
C TRP A 157 -3.73 24.91 -9.76
N HIS A 158 -4.55 24.04 -9.18
CA HIS A 158 -5.12 22.93 -9.94
C HIS A 158 -6.08 23.44 -11.02
N ARG A 159 -6.88 24.46 -10.69
N ARG A 159 -6.88 24.46 -10.70
CA ARG A 159 -7.80 25.03 -11.68
CA ARG A 159 -7.79 24.99 -11.72
C ARG A 159 -7.04 25.64 -12.86
C ARG A 159 -7.03 25.63 -12.88
N TRP A 160 -5.89 26.28 -12.59
CA TRP A 160 -5.13 26.89 -13.68
C TRP A 160 -4.60 25.84 -14.63
N LEU A 161 -4.12 24.71 -14.10
CA LEU A 161 -3.62 23.66 -14.96
C LEU A 161 -4.74 23.06 -15.78
N ALA A 162 -5.91 22.86 -15.16
CA ALA A 162 -7.01 22.18 -15.83
C ALA A 162 -7.65 23.06 -16.90
N GLU A 163 -7.71 24.37 -16.67
CA GLU A 163 -8.37 25.28 -17.59
C GLU A 163 -7.41 25.96 -18.55
N CYS A 164 -6.19 26.29 -18.15
CA CYS A 164 -5.30 27.03 -19.04
C CYS A 164 -4.29 26.15 -19.77
N ARG A 165 -3.86 25.02 -19.19
CA ARG A 165 -2.96 24.13 -19.91
C ARG A 165 -3.66 22.89 -20.45
N ASP A 166 -4.97 22.77 -20.28
CA ASP A 166 -5.79 21.80 -21.02
C ASP A 166 -7.02 22.51 -21.59
N ARG A 167 -6.78 23.48 -22.48
CA ARG A 167 -7.86 24.31 -23.02
C ARG A 167 -8.93 23.50 -23.75
N ASN A 168 -8.55 22.40 -24.38
CA ASN A 168 -9.49 21.61 -25.15
C ASN A 168 -10.06 20.41 -24.38
N GLU A 169 -9.86 20.37 -23.06
CA GLU A 169 -10.39 19.30 -22.21
C GLU A 169 -10.05 17.93 -22.79
N ARG A 170 -8.78 17.77 -23.17
CA ARG A 170 -8.25 16.48 -23.59
C ARG A 170 -7.78 15.63 -22.42
N GLY A 171 -7.69 16.19 -21.22
CA GLY A 171 -7.16 15.42 -20.11
C GLY A 171 -5.67 15.21 -20.19
N ARG A 172 -4.96 16.14 -20.83
CA ARG A 172 -3.51 16.15 -20.81
C ARG A 172 -3.02 17.58 -20.71
N ILE A 173 -1.88 17.77 -20.05
CA ILE A 173 -1.30 19.09 -19.80
C ILE A 173 -0.36 19.44 -20.94
N THR A 174 -0.53 20.63 -21.51
CA THR A 174 0.38 21.14 -22.52
C THR A 174 1.54 21.89 -21.86
N LEU A 175 2.76 21.61 -22.31
CA LEU A 175 3.93 22.36 -21.88
C LEU A 175 4.43 23.26 -23.00
N TYR A 176 5.03 24.38 -22.64
CA TYR A 176 5.64 25.29 -23.61
C TYR A 176 7.15 25.35 -23.44
N HIS A 177 7.71 24.52 -22.56
CA HIS A 177 9.14 24.45 -22.36
C HIS A 177 9.45 23.09 -21.75
N GLY A 178 10.51 22.43 -22.23
CA GLY A 178 10.89 21.15 -21.65
C GLY A 178 11.24 21.25 -20.18
N TRP A 179 11.68 22.42 -19.71
CA TRP A 179 11.96 22.63 -18.31
C TRP A 179 10.73 22.39 -17.44
N GLU A 180 9.53 22.61 -18.00
CA GLU A 180 8.30 22.42 -17.24
C GLU A 180 8.03 20.95 -16.93
N SER A 181 8.56 20.04 -17.75
CA SER A 181 8.42 18.61 -17.47
C SER A 181 9.25 18.16 -16.27
N GLY A 182 10.19 18.99 -15.82
CA GLY A 182 11.19 18.56 -14.86
C GLY A 182 12.32 17.74 -15.46
N MET A 183 12.19 17.29 -16.70
CA MET A 183 13.15 16.40 -17.35
C MET A 183 13.78 17.14 -18.53
N ASP A 184 14.70 18.06 -18.20
CA ASP A 184 15.18 19.08 -19.14
C ASP A 184 15.59 18.50 -20.49
N ASN A 185 16.55 17.57 -20.48
CA ASN A 185 17.13 17.05 -21.71
C ASN A 185 16.64 15.64 -22.03
N SER A 186 15.47 15.28 -21.53
CA SER A 186 14.95 13.94 -21.80
C SER A 186 14.86 13.67 -23.31
N PRO A 187 15.11 12.45 -23.75
CA PRO A 187 14.85 12.11 -25.15
C PRO A 187 13.42 12.36 -25.59
N ARG A 188 12.47 12.38 -24.64
CA ARG A 188 11.08 12.71 -24.93
C ARG A 188 10.94 13.93 -25.81
N TRP A 189 11.75 14.97 -25.58
CA TRP A 189 11.56 16.27 -26.22
C TRP A 189 12.45 16.53 -27.43
N ASP A 190 13.27 15.57 -27.89
CA ASP A 190 14.29 15.88 -28.90
C ASP A 190 13.67 16.28 -30.24
N SER A 191 12.70 15.51 -30.74
CA SER A 191 12.08 15.82 -32.01
C SER A 191 11.28 17.12 -31.95
N ALA A 192 10.66 17.43 -30.81
CA ALA A 192 10.04 18.75 -30.63
C ALA A 192 11.08 19.86 -30.61
N TYR A 193 12.21 19.64 -29.91
CA TYR A 193 13.24 20.68 -29.91
C TYR A 193 13.92 20.85 -31.27
N ALA A 194 13.96 19.80 -32.11
CA ALA A 194 14.56 19.98 -33.43
C ALA A 194 13.79 20.96 -34.30
N ASN A 195 12.57 21.29 -33.92
CA ASN A 195 11.75 22.25 -34.66
C ASN A 195 11.73 23.62 -33.99
N VAL A 196 12.57 23.84 -32.98
CA VAL A 196 12.76 25.16 -32.38
C VAL A 196 13.98 25.80 -33.04
N VAL A 197 13.77 26.93 -33.71
CA VAL A 197 14.84 27.62 -34.42
C VAL A 197 15.04 28.99 -33.81
N PRO A 198 16.11 29.21 -33.05
CA PRO A 198 16.34 30.52 -32.44
C PRO A 198 16.59 31.60 -33.49
N GLY A 199 15.96 32.75 -33.31
CA GLY A 199 16.29 33.91 -34.11
C GLY A 199 17.51 34.61 -33.53
N LYS A 200 17.50 35.93 -33.49
CA LYS A 200 18.61 36.68 -32.88
C LYS A 200 18.51 36.53 -31.37
N LEU A 201 19.27 35.60 -30.80
CA LEU A 201 19.20 35.30 -29.38
C LEU A 201 20.20 36.15 -28.61
N PRO A 202 19.76 36.92 -27.62
CA PRO A 202 20.70 37.81 -26.92
C PRO A 202 21.76 37.02 -26.17
N GLU A 203 22.99 37.54 -26.21
CA GLU A 203 24.16 36.84 -25.69
C GLU A 203 23.96 36.40 -24.25
N TYR A 204 24.65 35.33 -23.86
CA TYR A 204 24.61 34.85 -22.50
C TYR A 204 25.80 33.93 -22.25
N GLN A 205 26.09 33.72 -20.98
CA GLN A 205 27.06 32.71 -20.57
C GLN A 205 26.39 31.78 -19.57
N ARG A 206 26.59 30.48 -19.75
CA ARG A 206 26.03 29.52 -18.82
C ARG A 206 26.73 29.61 -17.48
N ALA A 207 25.97 29.38 -16.41
CA ALA A 207 26.54 29.23 -15.09
C ALA A 207 26.52 27.79 -14.60
N ASP A 208 25.64 26.95 -15.15
CA ASP A 208 25.46 25.62 -14.62
C ASP A 208 26.71 24.78 -14.81
N ASN A 209 27.38 24.93 -15.95
CA ASN A 209 28.58 24.15 -16.19
C ASN A 209 29.83 24.84 -15.69
N VAL A 210 29.69 25.97 -15.00
CA VAL A 210 30.80 26.47 -14.20
C VAL A 210 30.89 25.66 -12.92
N ILE A 211 29.75 25.16 -12.44
CA ILE A 211 29.69 24.40 -11.20
C ILE A 211 29.84 22.92 -11.46
N ILE A 212 29.08 22.39 -12.42
CA ILE A 212 29.20 21.01 -12.87
C ILE A 212 30.02 21.08 -14.15
N THR A 213 31.32 20.80 -14.06
CA THR A 213 32.15 21.06 -15.22
C THR A 213 32.30 19.87 -16.14
N ASP A 214 32.01 18.65 -15.69
CA ASP A 214 32.08 17.49 -16.56
C ASP A 214 31.03 17.66 -17.65
N PRO A 215 31.43 17.87 -18.91
CA PRO A 215 30.42 18.15 -19.94
C PRO A 215 29.49 16.99 -20.20
N SER A 216 29.86 15.76 -19.81
CA SER A 216 29.03 14.61 -20.07
C SER A 216 27.82 14.53 -19.15
N GLN A 217 27.74 15.39 -18.11
CA GLN A 217 26.66 15.30 -17.12
C GLN A 217 25.61 16.40 -17.23
N ARG A 218 25.73 17.32 -18.19
CA ARG A 218 24.83 18.45 -18.35
C ARG A 218 24.44 18.58 -19.82
N PRO A 219 23.36 19.31 -20.11
CA PRO A 219 22.99 19.52 -21.53
C PRO A 219 24.06 20.29 -22.28
N SER A 220 23.98 20.24 -23.61
CA SER A 220 24.94 20.90 -24.49
C SER A 220 24.58 22.36 -24.71
N ASP A 221 25.53 23.10 -25.29
CA ASP A 221 25.28 24.49 -25.66
C ASP A 221 24.12 24.60 -26.63
N GLY A 222 24.07 23.72 -27.63
CA GLY A 222 22.97 23.75 -28.58
C GLY A 222 21.61 23.64 -27.91
N GLU A 223 21.49 22.74 -26.92
CA GLU A 223 20.23 22.63 -26.18
C GLU A 223 19.95 23.90 -25.40
N TYR A 224 20.97 24.47 -24.74
CA TYR A 224 20.73 25.68 -23.98
C TYR A 224 20.29 26.82 -24.89
N ASP A 225 20.85 26.89 -26.10
CA ASP A 225 20.39 27.89 -27.08
C ASP A 225 18.87 27.79 -27.31
N ARG A 226 18.33 26.58 -27.43
CA ARG A 226 16.90 26.45 -27.63
C ARG A 226 16.12 26.71 -26.34
N TYR A 227 16.63 26.27 -25.18
CA TYR A 227 15.95 26.59 -23.93
C TYR A 227 15.81 28.10 -23.80
N LEU A 228 16.89 28.82 -24.08
CA LEU A 228 16.87 30.26 -23.86
C LEU A 228 16.02 30.96 -24.91
N TRP A 229 15.92 30.40 -26.11
CA TRP A 229 15.12 31.06 -27.15
C TRP A 229 13.64 31.01 -26.84
N LEU A 230 13.17 29.88 -26.28
CA LEU A 230 11.78 29.78 -25.84
C LEU A 230 11.40 30.91 -24.89
N LEU A 231 12.32 31.30 -23.99
CA LEU A 231 12.09 32.45 -23.12
C LEU A 231 11.82 33.72 -23.93
N GLU A 232 12.55 33.90 -25.04
CA GLU A 232 12.33 35.10 -25.86
C GLU A 232 10.94 35.11 -26.47
N GLU A 233 10.48 33.94 -26.92
CA GLU A 233 9.12 33.85 -27.47
C GLU A 233 8.08 34.21 -26.42
N MET A 234 8.24 33.70 -25.19
CA MET A 234 7.32 33.99 -24.10
C MET A 234 7.37 35.46 -23.72
N LYS A 235 8.58 36.01 -23.57
CA LYS A 235 8.70 37.43 -23.22
C LYS A 235 8.08 38.33 -24.27
N ALA A 236 8.11 37.91 -25.53
CA ALA A 236 7.55 38.75 -26.60
C ALA A 236 6.04 38.86 -26.52
N VAL A 237 5.36 37.97 -25.81
CA VAL A 237 3.93 38.13 -25.61
C VAL A 237 3.62 38.38 -24.13
N ARG A 238 4.63 38.80 -23.37
CA ARG A 238 4.47 39.17 -21.96
C ARG A 238 3.85 38.04 -21.16
N TYR A 239 4.22 36.80 -21.50
CA TYR A 239 3.79 35.62 -20.77
C TYR A 239 2.27 35.50 -20.73
N ASP A 240 1.59 36.01 -21.76
CA ASP A 240 0.13 36.00 -21.86
C ASP A 240 -0.37 34.58 -22.19
N ASP A 241 -1.17 34.00 -21.29
CA ASP A 241 -1.68 32.64 -21.50
C ASP A 241 -2.41 32.50 -22.82
N GLU A 242 -3.20 33.51 -23.19
CA GLU A 242 -4.01 33.45 -24.39
C GLU A 242 -3.19 33.57 -25.67
N ARG A 243 -1.93 33.97 -25.60
CA ARG A 243 -1.14 34.16 -26.81
C ARG A 243 -0.10 33.08 -27.03
N LEU A 244 0.26 32.35 -25.98
CA LEU A 244 1.28 31.32 -26.11
C LEU A 244 0.97 30.30 -27.19
N PRO A 245 -0.25 29.79 -27.36
CA PRO A 245 -0.47 28.80 -28.41
C PRO A 245 -0.14 29.32 -29.79
N SER A 246 -0.21 30.64 -30.01
CA SER A 246 0.02 31.23 -31.30
C SER A 246 1.49 31.51 -31.58
N VAL A 247 2.34 31.60 -30.57
CA VAL A 247 3.71 32.03 -30.81
C VAL A 247 4.75 30.99 -30.41
N MET A 248 4.43 30.02 -29.56
CA MET A 248 5.46 29.13 -29.04
C MET A 248 5.88 28.10 -30.08
N SER A 249 7.19 27.98 -30.30
CA SER A 249 7.75 26.96 -31.18
C SER A 249 7.79 25.57 -30.54
N PHE A 250 7.35 25.45 -29.29
CA PHE A 250 7.44 24.21 -28.51
C PHE A 250 6.12 24.04 -27.78
N GLN A 251 5.34 23.04 -28.16
CA GLN A 251 4.00 22.82 -27.59
C GLN A 251 3.80 21.32 -27.53
N VAL A 252 3.95 20.73 -26.33
CA VAL A 252 3.80 19.30 -26.17
C VAL A 252 2.89 18.98 -25.00
N GLU A 253 2.15 17.88 -25.13
CA GLU A 253 1.38 17.32 -24.02
C GLU A 253 2.27 16.30 -23.32
N ASP A 254 2.48 16.52 -22.01
CA ASP A 254 3.39 15.74 -21.20
C ASP A 254 2.57 14.70 -20.43
N VAL A 255 2.67 13.45 -20.84
CA VAL A 255 1.80 12.41 -20.27
C VAL A 255 2.20 12.09 -18.81
N PHE A 256 3.47 12.27 -18.46
CA PHE A 256 3.91 12.04 -17.09
C PHE A 256 3.39 13.13 -16.15
N PHE A 257 3.58 14.38 -16.53
CA PHE A 257 2.99 15.51 -15.83
C PHE A 257 1.48 15.30 -15.64
N SER A 258 0.81 14.80 -16.69
CA SER A 258 -0.64 14.61 -16.63
C SER A 258 -1.02 13.52 -15.63
N ALA A 259 -0.24 12.43 -15.58
CA ALA A 259 -0.54 11.37 -14.62
C ALA A 259 -0.36 11.87 -13.19
N ILE A 260 0.72 12.62 -12.96
CA ILE A 260 0.95 13.23 -11.65
C ILE A 260 -0.23 14.10 -11.24
N PHE A 261 -0.72 14.93 -12.18
CA PHE A 261 -1.82 15.81 -11.85
C PHE A 261 -3.07 15.02 -11.50
N SER A 262 -3.33 13.94 -12.24
CA SER A 262 -4.48 13.09 -11.91
C SER A 262 -4.39 12.60 -10.46
N VAL A 263 -3.23 12.05 -10.08
CA VAL A 263 -3.01 11.60 -8.71
C VAL A 263 -3.16 12.77 -7.74
N ALA A 264 -2.55 13.92 -8.06
CA ALA A 264 -2.59 15.04 -7.13
C ALA A 264 -4.03 15.51 -6.89
N CYS A 265 -4.84 15.53 -7.95
CA CYS A 265 -6.25 15.91 -7.82
C CYS A 265 -7.01 14.93 -6.94
N GLN A 266 -6.75 13.65 -7.12
CA GLN A 266 -7.43 12.66 -6.29
C GLN A 266 -7.01 12.80 -4.83
N VAL A 267 -5.71 13.04 -4.59
CA VAL A 267 -5.20 13.23 -3.23
C VAL A 267 -5.80 14.50 -2.61
N LEU A 268 -5.86 15.58 -3.37
CA LEU A 268 -6.37 16.83 -2.82
C LEU A 268 -7.87 16.72 -2.55
N ALA A 269 -8.58 15.96 -3.39
CA ALA A 269 -10.01 15.77 -3.15
C ALA A 269 -10.24 15.04 -1.82
N GLU A 270 -9.43 14.02 -1.55
CA GLU A 270 -9.57 13.26 -0.32
C GLU A 270 -9.27 14.12 0.89
N ILE A 271 -8.23 14.96 0.79
CA ILE A 271 -7.96 15.96 1.82
C ILE A 271 -9.17 16.86 2.01
N GLY A 272 -9.74 17.37 0.91
CA GLY A 272 -10.87 18.27 1.02
C GLY A 272 -12.06 17.62 1.72
N GLU A 273 -12.33 16.35 1.43
CA GLU A 273 -13.41 15.66 2.15
C GLU A 273 -13.06 15.47 3.62
N ASP A 274 -11.82 15.10 3.94
CA ASP A 274 -11.42 14.89 5.32
C ASP A 274 -11.50 16.16 6.15
N TYR A 275 -11.21 17.31 5.55
CA TYR A 275 -11.13 18.55 6.31
C TYR A 275 -12.27 19.50 5.94
N LYS A 276 -13.38 18.92 5.45
CA LYS A 276 -14.67 19.61 5.27
C LYS A 276 -14.53 20.89 4.45
N ARG A 277 -13.77 20.80 3.36
N ARG A 277 -13.78 20.81 3.36
CA ARG A 277 -13.62 21.92 2.42
CA ARG A 277 -13.65 21.96 2.49
C ARG A 277 -14.86 22.01 1.54
C ARG A 277 -14.80 21.99 1.47
N PRO A 278 -15.03 23.12 0.78
CA PRO A 278 -16.26 23.26 -0.03
C PRO A 278 -16.52 22.10 -0.99
N HIS A 279 -17.74 21.60 -0.97
CA HIS A 279 -18.07 20.43 -1.79
C HIS A 279 -17.88 20.68 -3.28
N ALA A 280 -18.13 21.92 -3.74
CA ALA A 280 -17.88 22.23 -5.15
C ALA A 280 -16.42 22.03 -5.51
N ASP A 281 -15.50 22.31 -4.57
CA ASP A 281 -14.08 22.11 -4.87
C ASP A 281 -13.76 20.63 -4.98
N VAL A 282 -14.28 19.84 -4.06
CA VAL A 282 -14.02 18.40 -4.05
C VAL A 282 -14.51 17.77 -5.34
N LYS A 283 -15.73 18.14 -5.77
CA LYS A 283 -16.31 17.60 -7.00
C LYS A 283 -15.47 17.96 -8.21
N ASP A 284 -15.01 19.22 -8.28
CA ASP A 284 -14.12 19.59 -9.38
C ASP A 284 -12.84 18.75 -9.36
N LEU A 285 -12.24 18.54 -8.18
CA LEU A 285 -11.00 17.78 -8.13
C LEU A 285 -11.19 16.35 -8.63
N TYR A 286 -12.25 15.67 -8.17
CA TYR A 286 -12.52 14.32 -8.66
C TYR A 286 -12.79 14.29 -10.15
N LEU A 287 -13.51 15.30 -10.66
CA LEU A 287 -13.74 15.39 -12.10
C LEU A 287 -12.41 15.45 -12.86
N TRP A 288 -11.48 16.31 -12.41
CA TRP A 288 -10.18 16.42 -13.07
C TRP A 288 -9.33 15.16 -12.91
N ALA A 289 -9.35 14.54 -11.73
CA ALA A 289 -8.63 13.29 -11.56
C ALA A 289 -9.03 12.27 -12.64
N GLU A 290 -10.33 12.14 -12.88
CA GLU A 290 -10.80 11.15 -13.85
C GLU A 290 -10.53 11.60 -15.28
N ARG A 291 -10.65 12.90 -15.56
CA ARG A 291 -10.36 13.38 -16.90
C ARG A 291 -8.90 13.13 -17.29
N PHE A 292 -7.96 13.46 -16.39
CA PHE A 292 -6.56 13.27 -16.74
C PHE A 292 -6.14 11.81 -16.66
N ARG A 293 -6.81 11.01 -15.84
CA ARG A 293 -6.64 9.56 -15.92
C ARG A 293 -7.01 9.08 -17.32
N ALA A 294 -8.19 9.45 -17.80
CA ALA A 294 -8.61 9.01 -19.14
C ALA A 294 -7.70 9.59 -20.22
N GLY A 295 -7.17 10.79 -19.99
CA GLY A 295 -6.30 11.38 -20.99
C GLY A 295 -4.96 10.68 -21.08
N VAL A 296 -4.46 10.17 -19.96
CA VAL A 296 -3.21 9.41 -19.99
C VAL A 296 -3.42 8.07 -20.69
N VAL A 297 -4.51 7.36 -20.34
CA VAL A 297 -4.79 6.04 -20.92
C VAL A 297 -4.97 6.15 -22.43
N GLU A 298 -5.56 7.25 -22.91
CA GLU A 298 -5.80 7.40 -24.34
C GLU A 298 -4.51 7.39 -25.14
N THR A 299 -3.39 7.78 -24.53
CA THR A 299 -2.11 7.81 -25.21
C THR A 299 -1.46 6.43 -25.37
N THR A 300 -1.97 5.38 -24.72
CA THR A 300 -1.10 4.26 -24.44
C THR A 300 -0.98 3.30 -25.61
N ASP A 301 0.20 2.70 -25.71
CA ASP A 301 0.44 1.64 -26.70
C ASP A 301 -0.52 0.49 -26.45
N GLN A 302 -1.09 -0.04 -27.54
CA GLN A 302 -2.18 -1.01 -27.41
C GLN A 302 -1.68 -2.37 -26.95
N ARG A 303 -0.39 -2.65 -27.13
CA ARG A 303 0.21 -3.93 -26.76
C ARG A 303 0.91 -3.88 -25.41
N THR A 304 1.66 -2.82 -25.14
CA THR A 304 2.50 -2.77 -23.94
C THR A 304 1.93 -1.86 -22.86
N GLY A 305 0.94 -1.04 -23.18
CA GLY A 305 0.41 -0.07 -22.25
C GLY A 305 1.27 1.17 -22.07
N ALA A 306 2.40 1.25 -22.76
CA ALA A 306 3.32 2.37 -22.61
C ALA A 306 2.67 3.68 -23.06
N ALA A 307 2.79 4.71 -22.23
CA ALA A 307 2.18 6.01 -22.50
C ALA A 307 3.11 6.89 -23.33
N ARG A 308 2.50 7.63 -24.26
CA ARG A 308 3.22 8.45 -25.23
C ARG A 308 2.93 9.93 -24.98
N ASP A 309 3.94 10.77 -25.17
CA ASP A 309 3.72 12.21 -25.22
C ASP A 309 3.19 12.61 -26.60
N PHE A 310 2.71 13.85 -26.73
CA PHE A 310 2.10 14.28 -27.99
C PHE A 310 2.64 15.64 -28.40
N ASP A 311 3.14 15.75 -29.64
CA ASP A 311 3.62 17.02 -30.17
C ASP A 311 2.41 17.74 -30.74
N VAL A 312 2.02 18.84 -30.10
CA VAL A 312 0.80 19.54 -30.51
C VAL A 312 0.99 20.24 -31.85
N LEU A 313 2.21 20.72 -32.15
CA LEU A 313 2.44 21.42 -33.42
C LEU A 313 2.53 20.44 -34.58
N ALA A 314 3.30 19.37 -34.41
CA ALA A 314 3.38 18.35 -35.46
C ALA A 314 2.14 17.46 -35.49
N GLU A 315 1.33 17.47 -34.43
CA GLU A 315 0.17 16.60 -34.33
C GLU A 315 0.57 15.14 -34.47
N LYS A 316 1.55 14.73 -33.65
CA LYS A 316 2.08 13.38 -33.75
C LYS A 316 2.46 12.84 -32.38
N TRP A 317 2.22 11.55 -32.18
CA TRP A 317 2.63 10.88 -30.97
C TRP A 317 4.15 10.79 -30.90
N LEU A 318 4.69 10.98 -29.71
CA LEU A 318 6.13 10.89 -29.47
C LEU A 318 6.44 9.55 -28.79
N VAL A 319 7.14 8.66 -29.51
CA VAL A 319 7.51 7.34 -29.01
C VAL A 319 8.96 7.39 -28.58
N THR A 320 9.22 7.24 -27.28
CA THR A 320 10.57 7.17 -26.76
C THR A 320 10.57 6.14 -25.64
N GLU A 321 11.76 5.65 -25.26
CA GLU A 321 11.89 4.65 -24.19
C GLU A 321 12.48 5.27 -22.93
N THR A 322 11.66 6.06 -22.24
CA THR A 322 12.06 6.68 -21.00
C THR A 322 11.11 6.26 -19.89
N ALA A 323 11.49 6.58 -18.66
CA ALA A 323 10.68 6.31 -17.48
C ALA A 323 9.27 6.92 -17.57
N ALA A 324 9.09 7.93 -18.41
CA ALA A 324 7.78 8.57 -18.46
C ALA A 324 6.72 7.67 -19.08
N GLN A 325 7.12 6.67 -19.87
CA GLN A 325 6.08 5.81 -20.44
C GLN A 325 5.37 4.96 -19.38
N PHE A 326 5.86 4.96 -18.13
CA PHE A 326 5.18 4.28 -17.02
C PHE A 326 4.19 5.18 -16.30
N ALA A 327 3.87 6.35 -16.88
CA ALA A 327 2.84 7.23 -16.34
C ALA A 327 1.53 6.54 -15.95
N PRO A 328 0.96 5.62 -16.74
CA PRO A 328 -0.33 5.01 -16.34
C PRO A 328 -0.26 4.22 -15.04
N LEU A 329 0.91 3.71 -14.66
CA LEU A 329 1.00 3.01 -13.39
C LEU A 329 0.73 3.93 -12.21
N LEU A 330 1.04 5.24 -12.36
CA LEU A 330 0.89 6.15 -11.22
C LEU A 330 -0.57 6.47 -10.99
N CYS A 331 -1.31 6.70 -12.06
CA CYS A 331 -2.66 7.20 -11.91
C CYS A 331 -3.72 6.12 -12.09
N GLY A 332 -3.37 4.93 -12.61
CA GLY A 332 -4.35 3.90 -12.88
C GLY A 332 -5.13 4.17 -14.17
N GLY A 333 -6.07 3.28 -14.47
CA GLY A 333 -6.95 3.46 -15.59
C GLY A 333 -6.76 2.48 -16.74
N LEU A 334 -5.63 1.79 -16.81
CA LEU A 334 -5.45 0.84 -17.90
C LEU A 334 -6.32 -0.39 -17.69
N PRO A 335 -6.88 -0.96 -18.75
CA PRO A 335 -7.46 -2.31 -18.63
C PRO A 335 -6.45 -3.26 -18.00
N HIS A 336 -6.96 -4.17 -17.18
CA HIS A 336 -6.15 -5.11 -16.41
C HIS A 336 -5.01 -5.74 -17.21
N ASP A 337 -5.30 -6.24 -18.41
CA ASP A 337 -4.30 -6.93 -19.23
C ASP A 337 -3.18 -6.00 -19.69
N ARG A 338 -3.51 -4.76 -20.05
CA ARG A 338 -2.43 -3.89 -20.53
C ARG A 338 -1.58 -3.38 -19.39
N GLU A 339 -2.14 -3.31 -18.18
CA GLU A 339 -1.34 -2.88 -17.05
C GLU A 339 -0.36 -3.96 -16.63
N ARG A 340 -0.72 -5.24 -16.78
CA ARG A 340 0.24 -6.31 -16.52
C ARG A 340 1.40 -6.27 -17.50
N ALA A 341 1.10 -6.02 -18.79
CA ALA A 341 2.16 -5.88 -19.78
C ALA A 341 3.06 -4.70 -19.46
N LEU A 342 2.49 -3.58 -19.01
CA LEU A 342 3.30 -2.42 -18.66
C LEU A 342 4.19 -2.73 -17.48
N LEU A 343 3.66 -3.40 -16.45
CA LEU A 343 4.49 -3.79 -15.32
C LEU A 343 5.60 -4.71 -15.76
N LYS A 344 5.31 -5.63 -16.70
CA LYS A 344 6.34 -6.50 -17.26
C LYS A 344 7.44 -5.70 -17.95
N LEU A 345 7.07 -4.66 -18.69
CA LEU A 345 8.06 -3.78 -19.31
C LEU A 345 8.94 -3.14 -18.22
N LEU A 346 8.32 -2.65 -17.16
CA LEU A 346 9.05 -1.96 -16.10
C LEU A 346 10.05 -2.88 -15.44
N GLU A 347 9.65 -4.12 -15.15
CA GLU A 347 10.46 -5.03 -14.36
C GLU A 347 11.42 -5.83 -15.22
N GLY A 348 11.25 -5.84 -16.54
CA GLY A 348 12.07 -6.64 -17.41
C GLY A 348 13.40 -5.98 -17.79
N PRO A 349 14.09 -6.60 -18.75
CA PRO A 349 15.47 -6.20 -19.06
C PRO A 349 15.59 -4.89 -19.83
N ARG A 350 14.49 -4.28 -20.27
CA ARG A 350 14.59 -2.92 -20.81
C ARG A 350 14.66 -1.86 -19.72
N PHE A 351 14.27 -2.19 -18.48
CA PHE A 351 14.37 -1.19 -17.42
C PHE A 351 14.93 -1.77 -16.12
N CYS A 352 14.09 -2.02 -15.09
CA CYS A 352 14.63 -2.37 -13.77
C CYS A 352 15.34 -3.70 -13.77
N GLY A 353 14.99 -4.60 -14.67
CA GLY A 353 15.65 -5.88 -14.69
C GLY A 353 16.82 -5.96 -15.66
N HIS A 354 17.31 -4.83 -16.16
CA HIS A 354 18.47 -4.87 -17.05
C HIS A 354 19.66 -5.50 -16.32
N PRO A 355 20.40 -6.39 -16.96
CA PRO A 355 21.40 -7.18 -16.23
C PRO A 355 22.59 -6.37 -15.71
N ASP A 356 22.87 -5.19 -16.24
CA ASP A 356 24.07 -4.48 -15.83
C ASP A 356 23.82 -3.40 -14.79
N LEU A 357 22.58 -3.23 -14.34
CA LEU A 357 22.29 -2.18 -13.37
C LEU A 357 22.85 -2.54 -12.00
N LYS A 358 23.40 -1.53 -11.31
CA LYS A 358 23.90 -1.79 -9.97
C LYS A 358 22.74 -1.99 -8.98
N TYR A 359 21.65 -1.24 -9.15
CA TYR A 359 20.48 -1.33 -8.28
C TYR A 359 19.25 -1.67 -9.11
N GLY A 360 18.27 -2.30 -8.48
CA GLY A 360 17.00 -2.53 -9.13
C GLY A 360 16.10 -1.31 -9.15
N LEU A 361 16.50 -0.27 -9.86
CA LEU A 361 15.84 1.03 -9.90
C LEU A 361 15.52 1.40 -11.36
N ILE A 362 14.74 2.46 -11.55
CA ILE A 362 14.22 2.82 -12.86
C ILE A 362 15.20 3.81 -13.49
N PRO A 363 15.92 3.44 -14.55
CA PRO A 363 16.75 4.43 -15.24
C PRO A 363 15.87 5.39 -16.03
N SER A 364 16.32 6.65 -16.14
CA SER A 364 15.48 7.68 -16.75
C SER A 364 15.20 7.37 -18.23
N THR A 365 16.16 6.77 -18.91
CA THR A 365 16.01 6.27 -20.26
C THR A 365 16.45 4.82 -20.25
N SER A 366 15.78 3.99 -21.04
CA SER A 366 16.14 2.57 -21.10
C SER A 366 17.60 2.38 -21.53
N PRO A 367 18.37 1.56 -20.80
CA PRO A 367 19.75 1.27 -21.25
C PRO A 367 19.84 0.59 -22.61
N VAL A 368 18.76 0.04 -23.16
CA VAL A 368 18.84 -0.56 -24.48
C VAL A 368 18.42 0.39 -25.59
N SER A 369 17.90 1.58 -25.27
CA SER A 369 17.57 2.56 -26.29
C SER A 369 18.82 3.21 -26.86
N ARG A 370 18.80 3.53 -28.16
CA ARG A 370 19.87 4.31 -28.81
C ARG A 370 20.10 5.67 -28.17
N ASP A 371 19.08 6.22 -27.50
CA ASP A 371 19.16 7.52 -26.87
C ASP A 371 19.86 7.48 -25.53
N PHE A 372 20.17 6.29 -25.03
CA PHE A 372 20.71 6.13 -23.70
C PHE A 372 22.13 6.67 -23.61
N ARG A 373 22.38 7.49 -22.60
CA ARG A 373 23.73 7.95 -22.27
C ARG A 373 23.86 7.78 -20.77
N PRO A 374 24.80 6.98 -20.28
CA PRO A 374 24.80 6.63 -18.84
C PRO A 374 25.06 7.80 -17.89
N ARG A 375 25.65 8.91 -18.34
CA ARG A 375 25.98 10.03 -17.46
C ARG A 375 25.13 11.28 -17.69
N GLU A 376 24.36 11.35 -18.77
CA GLU A 376 23.91 12.62 -19.30
C GLU A 376 22.51 12.98 -18.81
N TYR A 377 22.43 13.31 -17.51
CA TYR A 377 21.27 13.99 -16.93
C TYR A 377 20.01 13.14 -16.94
N TRP A 378 19.04 13.45 -17.80
CA TRP A 378 17.82 12.64 -17.93
C TRP A 378 17.88 11.63 -19.09
N ARG A 379 19.06 11.45 -19.69
CA ARG A 379 19.18 10.52 -20.79
C ARG A 379 19.61 9.11 -20.35
N GLY A 380 19.39 8.73 -19.09
CA GLY A 380 19.86 7.44 -18.64
C GLY A 380 20.02 7.26 -17.15
N PRO A 381 20.68 8.25 -16.46
CA PRO A 381 20.92 8.09 -15.01
C PRO A 381 19.68 7.76 -14.19
N VAL A 382 19.91 7.12 -13.04
CA VAL A 382 18.84 6.82 -12.08
C VAL A 382 18.70 8.01 -11.12
N TRP A 383 17.47 8.50 -10.96
CA TRP A 383 17.12 9.67 -10.16
C TRP A 383 16.38 9.23 -8.90
N PRO A 384 16.90 9.46 -7.68
CA PRO A 384 16.14 9.07 -6.48
C PRO A 384 14.75 9.65 -6.42
N VAL A 385 14.55 10.85 -6.98
CA VAL A 385 13.24 11.50 -6.93
C VAL A 385 12.20 10.66 -7.67
N LEU A 386 12.58 10.08 -8.82
CA LEU A 386 11.67 9.22 -9.54
C LEU A 386 11.41 7.93 -8.77
N THR A 387 12.46 7.36 -8.15
CA THR A 387 12.26 6.20 -7.27
C THR A 387 11.23 6.51 -6.20
N TRP A 388 11.35 7.68 -5.57
CA TRP A 388 10.44 8.01 -4.47
C TRP A 388 9.02 8.09 -4.98
N LEU A 389 8.84 8.77 -6.11
CA LEU A 389 7.51 9.00 -6.62
C LEU A 389 6.86 7.68 -7.06
N PHE A 390 7.61 6.84 -7.76
CA PHE A 390 7.03 5.57 -8.17
C PHE A 390 6.72 4.71 -6.96
N SER A 391 7.60 4.72 -5.96
N SER A 391 7.58 4.72 -5.96
CA SER A 391 7.38 3.92 -4.76
CA SER A 391 7.36 3.89 -4.78
C SER A 391 6.14 4.36 -4.00
C SER A 391 6.13 4.37 -3.99
N TRP A 392 5.97 5.68 -3.84
CA TRP A 392 4.80 6.19 -3.14
C TRP A 392 3.52 5.92 -3.93
N CYS A 393 3.53 6.18 -5.23
CA CYS A 393 2.35 5.90 -6.04
C CYS A 393 2.03 4.40 -6.08
N PHE A 394 3.05 3.55 -6.17
CA PHE A 394 2.78 2.10 -6.19
C PHE A 394 2.12 1.66 -4.90
N ALA A 395 2.61 2.15 -3.75
CA ALA A 395 1.99 1.80 -2.48
C ALA A 395 0.51 2.20 -2.47
N ARG A 396 0.22 3.37 -3.06
N ARG A 396 0.21 3.37 -3.06
CA ARG A 396 -1.13 3.88 -3.16
CA ARG A 396 -1.16 3.85 -3.12
C ARG A 396 -2.01 3.02 -4.07
C ARG A 396 -2.03 3.03 -4.08
N ARG A 397 -1.41 2.38 -5.09
CA ARG A 397 -2.16 1.43 -5.91
C ARG A 397 -2.41 0.13 -5.17
N GLY A 398 -1.80 -0.06 -4.00
CA GLY A 398 -1.88 -1.32 -3.28
C GLY A 398 -0.78 -2.30 -3.61
N TRP A 399 0.25 -1.88 -4.35
CA TRP A 399 1.36 -2.76 -4.73
C TRP A 399 2.48 -2.65 -3.69
N ALA A 400 2.15 -3.13 -2.49
CA ALA A 400 3.01 -2.92 -1.31
C ALA A 400 4.40 -3.54 -1.50
N GLU A 401 4.48 -4.75 -2.07
CA GLU A 401 5.80 -5.34 -2.23
C GLU A 401 6.62 -4.61 -3.31
N ARG A 402 5.99 -4.21 -4.43
CA ARG A 402 6.71 -3.42 -5.41
C ARG A 402 7.23 -2.13 -4.80
N ALA A 403 6.40 -1.44 -4.02
CA ALA A 403 6.82 -0.18 -3.42
C ALA A 403 7.96 -0.41 -2.44
N ARG A 404 7.90 -1.51 -1.69
CA ARG A 404 8.95 -1.84 -0.74
C ARG A 404 10.28 -2.09 -1.46
N LEU A 405 10.24 -2.81 -2.57
CA LEU A 405 11.46 -3.13 -3.30
C LEU A 405 12.15 -1.86 -3.83
N LEU A 406 11.36 -0.91 -4.36
CA LEU A 406 11.95 0.34 -4.82
C LEU A 406 12.54 1.13 -3.66
N ARG A 407 11.83 1.21 -2.54
N ARG A 407 11.84 1.18 -2.54
CA ARG A 407 12.36 1.88 -1.36
CA ARG A 407 12.32 1.86 -1.35
C ARG A 407 13.67 1.25 -0.91
C ARG A 407 13.62 1.25 -0.85
N GLN A 408 13.70 -0.08 -0.82
CA GLN A 408 14.90 -0.75 -0.34
C GLN A 408 16.10 -0.47 -1.25
N GLU A 409 15.90 -0.52 -2.57
CA GLU A 409 17.02 -0.24 -3.47
C GLU A 409 17.37 1.24 -3.49
N GLY A 410 16.39 2.12 -3.30
CA GLY A 410 16.70 3.54 -3.20
C GLY A 410 17.55 3.84 -1.98
N LEU A 411 17.24 3.21 -0.85
CA LEU A 411 18.04 3.43 0.35
C LEU A 411 19.45 2.88 0.19
N ARG A 412 19.57 1.74 -0.49
CA ARG A 412 20.90 1.16 -0.66
C ARG A 412 21.75 2.03 -1.58
N GLN A 413 21.14 2.61 -2.62
CA GLN A 413 21.87 3.53 -3.47
C GLN A 413 22.27 4.80 -2.71
N ALA A 414 21.40 5.29 -1.85
CA ALA A 414 21.63 6.55 -1.14
C ALA A 414 22.56 6.40 0.05
N SER A 415 22.91 5.17 0.44
N SER A 415 22.91 5.17 0.44
CA SER A 415 23.67 4.95 1.66
CA SER A 415 23.68 4.92 1.64
C SER A 415 25.10 5.48 1.59
C SER A 415 25.10 5.49 1.59
N ASP A 416 25.57 5.95 0.42
CA ASP A 416 26.89 6.59 0.38
C ASP A 416 26.86 7.97 1.04
N GLY A 417 25.68 8.54 1.23
CA GLY A 417 25.54 9.84 1.83
C GLY A 417 25.92 11.02 0.96
N SER A 418 26.03 10.83 -0.37
CA SER A 418 26.33 11.94 -1.26
C SER A 418 25.12 12.82 -1.55
N PHE A 419 23.91 12.26 -1.45
CA PHE A 419 22.66 12.96 -1.73
C PHE A 419 22.71 13.62 -3.10
N ALA A 420 23.22 12.87 -4.08
CA ALA A 420 23.23 13.36 -5.44
C ALA A 420 21.83 13.28 -6.03
N ALA A 421 21.62 14.10 -7.06
CA ALA A 421 20.34 14.10 -7.75
C ALA A 421 20.19 12.88 -8.65
N TYR A 422 21.29 12.43 -9.27
CA TYR A 422 21.21 11.26 -10.14
C TYR A 422 22.52 10.48 -10.07
N TYR A 423 22.45 9.19 -10.44
CA TYR A 423 23.54 8.24 -10.29
C TYR A 423 23.78 7.50 -11.60
N GLU A 424 25.03 7.20 -11.89
CA GLU A 424 25.38 6.40 -13.05
C GLU A 424 24.72 5.03 -12.88
N PRO A 425 23.93 4.56 -13.85
CA PRO A 425 23.10 3.35 -13.60
C PRO A 425 23.90 2.08 -13.42
N PHE A 426 25.10 1.98 -14.01
CA PHE A 426 25.88 0.75 -13.98
C PHE A 426 26.88 0.71 -12.84
N THR A 427 27.52 1.84 -12.55
CA THR A 427 28.57 1.91 -11.54
C THR A 427 28.09 2.45 -10.21
N GLY A 428 26.92 3.08 -10.19
CA GLY A 428 26.44 3.79 -9.02
C GLY A 428 27.17 5.07 -8.68
N GLU A 429 28.09 5.55 -9.53
CA GLU A 429 28.80 6.80 -9.25
C GLU A 429 27.79 7.95 -9.12
N PRO A 430 27.88 8.76 -8.08
CA PRO A 430 26.96 9.91 -7.97
C PRO A 430 27.34 10.99 -8.99
N LEU A 431 26.32 11.64 -9.55
CA LEU A 431 26.49 12.59 -10.65
C LEU A 431 25.77 13.91 -10.37
N GLY A 432 26.07 14.92 -11.17
CA GLY A 432 25.40 16.19 -10.95
C GLY A 432 25.87 16.83 -9.66
N SER A 433 24.99 17.64 -9.06
CA SER A 433 25.33 18.25 -7.79
C SER A 433 25.18 17.23 -6.65
N MET A 434 26.18 17.21 -5.76
CA MET A 434 25.99 16.62 -4.46
C MET A 434 25.07 17.52 -3.63
N GLN A 435 24.62 17.01 -2.50
CA GLN A 435 23.85 17.81 -1.53
C GLN A 435 22.54 18.34 -2.10
N GLN A 436 21.87 17.51 -2.90
N GLN A 436 21.89 17.53 -2.95
CA GLN A 436 20.59 17.85 -3.49
CA GLN A 436 20.58 17.90 -3.48
C GLN A 436 19.49 17.67 -2.44
C GLN A 436 19.51 17.69 -2.41
N SER A 437 18.75 18.74 -2.14
CA SER A 437 17.77 18.67 -1.06
C SER A 437 16.74 17.58 -1.27
N TRP A 438 16.24 17.40 -2.50
CA TRP A 438 15.13 16.48 -2.62
C TRP A 438 15.58 15.02 -2.49
N THR A 439 16.85 14.72 -2.67
CA THR A 439 17.36 13.37 -2.38
C THR A 439 17.44 13.12 -0.87
N ALA A 440 17.96 14.10 -0.12
CA ALA A 440 17.88 14.06 1.34
C ALA A 440 16.46 13.88 1.81
N ALA A 441 15.51 14.58 1.17
CA ALA A 441 14.11 14.46 1.57
C ALA A 441 13.56 13.06 1.29
N ALA A 442 13.88 12.48 0.13
CA ALA A 442 13.36 11.13 -0.16
C ALA A 442 13.86 10.14 0.88
N VAL A 443 15.15 10.26 1.26
CA VAL A 443 15.76 9.37 2.23
C VAL A 443 15.09 9.53 3.58
N LEU A 444 14.89 10.79 4.01
CA LEU A 444 14.20 11.01 5.28
C LEU A 444 12.81 10.42 5.26
N ASP A 445 12.08 10.59 4.16
CA ASP A 445 10.74 10.01 4.11
C ASP A 445 10.82 8.48 4.14
N TRP A 446 11.68 7.88 3.32
CA TRP A 446 11.80 6.41 3.30
C TRP A 446 12.18 5.85 4.67
N LEU A 447 13.11 6.50 5.37
CA LEU A 447 13.64 5.90 6.60
C LEU A 447 12.58 5.89 7.68
N GLY A 448 11.74 6.92 7.73
CA GLY A 448 10.73 6.98 8.77
C GLY A 448 11.48 6.88 10.08
N PRO B 4 12.88 -5.14 34.85
CA PRO B 4 13.61 -3.91 35.16
C PRO B 4 12.80 -2.65 34.84
N HIS B 5 13.48 -1.61 34.33
CA HIS B 5 12.79 -0.41 33.87
C HIS B 5 12.06 -0.65 32.55
N ASP B 6 12.59 -1.50 31.69
CA ASP B 6 11.99 -1.78 30.38
C ASP B 6 11.98 -3.28 30.13
N PRO B 7 10.82 -3.94 30.31
CA PRO B 7 10.72 -5.37 29.97
C PRO B 7 10.53 -5.65 28.48
N SER B 8 10.55 -4.62 27.64
CA SER B 8 10.39 -4.79 26.21
C SER B 8 11.70 -5.28 25.57
N PHE B 9 11.56 -5.95 24.43
CA PHE B 9 12.70 -6.41 23.65
C PHE B 9 12.95 -5.50 22.46
N THR B 10 14.22 -5.40 22.07
CA THR B 10 14.58 -4.69 20.84
C THR B 10 14.02 -5.45 19.63
N PRO B 11 13.92 -4.78 18.46
CA PRO B 11 13.42 -5.48 17.28
C PRO B 11 14.22 -6.73 16.91
N THR B 12 15.56 -6.70 17.00
CA THR B 12 16.32 -7.92 16.71
C THR B 12 16.12 -8.99 17.78
N GLN B 13 16.01 -8.61 19.05
CA GLN B 13 15.71 -9.63 20.06
C GLN B 13 14.35 -10.25 19.86
N LEU B 14 13.36 -9.44 19.44
CA LEU B 14 11.99 -9.92 19.27
C LEU B 14 11.89 -10.83 18.05
N ALA B 15 12.53 -10.46 16.94
CA ALA B 15 12.56 -11.36 15.80
C ALA B 15 13.21 -12.69 16.17
N ALA B 16 14.31 -12.66 16.92
CA ALA B 16 15.00 -13.88 17.32
C ALA B 16 14.08 -14.76 18.17
N ARG B 17 13.43 -14.18 19.18
CA ARG B 17 12.54 -14.93 20.03
C ARG B 17 11.34 -15.51 19.29
N ALA B 18 10.79 -14.75 18.31
CA ALA B 18 9.67 -15.25 17.52
C ALA B 18 10.07 -16.45 16.67
N ALA B 19 11.23 -16.37 16.03
CA ALA B 19 11.72 -17.48 15.23
C ALA B 19 12.01 -18.69 16.10
N TYR B 20 12.59 -18.45 17.29
CA TYR B 20 12.89 -19.51 18.24
C TYR B 20 11.62 -20.21 18.69
N LEU B 21 10.56 -19.44 18.99
CA LEU B 21 9.26 -20.02 19.30
C LEU B 21 8.72 -20.89 18.16
N LEU B 22 8.76 -20.37 16.91
CA LEU B 22 8.19 -21.12 15.78
C LEU B 22 8.91 -22.44 15.55
N ARG B 23 10.25 -22.44 15.65
CA ARG B 23 10.97 -23.70 15.53
C ARG B 23 10.67 -24.62 16.70
N GLY B 24 10.41 -24.04 17.89
CA GLY B 24 10.13 -24.86 19.06
C GLY B 24 8.78 -25.56 18.98
N ASN B 25 7.81 -24.96 18.28
CA ASN B 25 6.49 -25.57 18.11
C ASN B 25 6.40 -26.50 16.91
N ASP B 26 7.50 -26.70 16.21
CA ASP B 26 7.57 -27.54 15.02
C ASP B 26 7.67 -29.00 15.42
N LEU B 27 6.66 -29.80 15.05
CA LEU B 27 6.74 -31.23 15.30
C LEU B 27 7.51 -32.00 14.22
N GLY B 28 7.89 -31.34 13.14
CA GLY B 28 8.63 -31.99 12.07
C GLY B 28 8.09 -31.58 10.72
N THR B 29 6.83 -31.91 10.45
CA THR B 29 6.16 -31.42 9.25
C THR B 29 4.96 -30.56 9.56
N MET B 30 4.57 -30.43 10.82
CA MET B 30 3.53 -29.49 11.20
C MET B 30 3.97 -28.69 12.40
N THR B 31 3.40 -27.50 12.53
CA THR B 31 3.69 -26.61 13.64
C THR B 31 2.43 -26.53 14.49
N THR B 32 2.57 -26.69 15.80
CA THR B 32 1.39 -26.59 16.64
C THR B 32 0.96 -25.13 16.75
N ALA B 33 -0.36 -24.92 16.93
CA ALA B 33 -0.87 -23.57 17.14
C ALA B 33 -0.40 -22.99 18.48
N ALA B 34 -0.30 -23.83 19.52
CA ALA B 34 0.25 -23.42 20.79
C ALA B 34 0.70 -24.68 21.53
N PRO B 35 1.73 -24.59 22.38
CA PRO B 35 2.35 -25.82 22.90
C PRO B 35 1.41 -26.74 23.68
N LEU B 36 0.58 -26.21 24.58
CA LEU B 36 -0.28 -27.06 25.40
C LEU B 36 -1.76 -26.91 25.10
N LEU B 37 -2.22 -25.67 24.90
CA LEU B 37 -3.65 -25.46 24.69
C LEU B 37 -4.10 -26.03 23.34
N TYR B 38 -3.26 -25.86 22.30
CA TYR B 38 -3.60 -26.23 20.93
C TYR B 38 -2.47 -27.07 20.31
N PRO B 39 -2.22 -28.29 20.85
CA PRO B 39 -1.01 -29.04 20.44
C PRO B 39 -1.17 -29.77 19.11
N HIS B 40 -1.89 -29.18 18.16
CA HIS B 40 -2.15 -29.78 16.85
C HIS B 40 -2.03 -28.70 15.79
N MET B 41 -2.27 -29.07 14.53
CA MET B 41 -2.27 -28.12 13.42
C MET B 41 -3.69 -27.58 13.21
N TRP B 42 -3.86 -26.27 13.32
CA TRP B 42 -5.10 -25.60 12.96
C TRP B 42 -4.96 -24.92 11.59
N SER B 43 -6.06 -24.90 10.84
CA SER B 43 -6.00 -24.50 9.44
C SER B 43 -5.57 -23.04 9.25
N TRP B 44 -6.30 -22.08 9.82
CA TRP B 44 -5.81 -20.75 9.48
C TRP B 44 -4.58 -20.36 10.28
N ASP B 45 -4.32 -21.00 11.42
CA ASP B 45 -3.03 -20.80 12.07
C ASP B 45 -1.90 -21.26 11.17
N ALA B 46 -2.06 -22.41 10.52
CA ALA B 46 -0.99 -22.92 9.65
C ALA B 46 -0.71 -21.98 8.49
N ALA B 47 -1.75 -21.32 7.97
CA ALA B 47 -1.50 -20.33 6.94
C ALA B 47 -0.63 -19.19 7.48
N PHE B 48 -0.93 -18.72 8.69
CA PHE B 48 -0.10 -17.66 9.26
C PHE B 48 1.29 -18.17 9.59
N VAL B 49 1.39 -19.41 10.09
CA VAL B 49 2.68 -19.99 10.40
C VAL B 49 3.55 -20.05 9.15
N ALA B 50 2.97 -20.44 8.01
CA ALA B 50 3.74 -20.45 6.77
C ALA B 50 4.22 -19.06 6.39
N ILE B 51 3.44 -18.02 6.70
CA ILE B 51 3.86 -16.65 6.47
C ILE B 51 5.06 -16.32 7.36
N GLY B 52 5.01 -16.69 8.64
CA GLY B 52 6.15 -16.46 9.52
C GLY B 52 7.37 -17.28 9.15
N LEU B 53 7.17 -18.44 8.53
CA LEU B 53 8.33 -19.26 8.17
C LEU B 53 9.02 -18.74 6.92
N ALA B 54 8.27 -18.10 6.02
CA ALA B 54 8.83 -17.70 4.72
C ALA B 54 10.12 -16.88 4.83
N PRO B 55 10.29 -15.94 5.77
CA PRO B 55 11.62 -15.29 5.90
C PRO B 55 12.71 -16.22 6.42
N LEU B 56 12.35 -17.35 7.04
CA LEU B 56 13.32 -18.26 7.64
C LEU B 56 13.71 -19.39 6.70
N SER B 57 12.73 -19.97 6.01
CA SER B 57 13.01 -21.10 5.14
C SER B 57 11.80 -21.24 4.23
N VAL B 58 11.96 -20.88 2.97
CA VAL B 58 10.89 -21.07 2.01
C VAL B 58 10.52 -22.55 1.93
N GLU B 59 11.52 -23.43 1.99
CA GLU B 59 11.25 -24.86 1.92
C GLU B 59 10.34 -25.29 3.06
N ARG B 60 10.64 -24.85 4.27
CA ARG B 60 9.83 -25.27 5.41
C ARG B 60 8.46 -24.61 5.41
N ALA B 61 8.36 -23.36 4.93
CA ALA B 61 7.05 -22.76 4.78
C ALA B 61 6.17 -23.56 3.84
N VAL B 62 6.75 -24.02 2.74
CA VAL B 62 6.01 -24.82 1.79
C VAL B 62 5.63 -26.18 2.40
N VAL B 63 6.49 -26.74 3.26
CA VAL B 63 6.15 -28.00 3.93
C VAL B 63 4.88 -27.83 4.76
N GLU B 64 4.76 -26.70 5.45
CA GLU B 64 3.60 -26.48 6.30
C GLU B 64 2.32 -26.55 5.49
N LEU B 65 2.28 -25.86 4.35
CA LEU B 65 1.09 -25.92 3.51
C LEU B 65 0.93 -27.27 2.83
N ASP B 66 2.03 -27.93 2.48
CA ASP B 66 1.92 -29.30 1.97
C ASP B 66 1.24 -30.21 2.97
N THR B 67 1.60 -30.09 4.24
CA THR B 67 1.04 -30.99 5.25
C THR B 67 -0.44 -30.74 5.45
N LEU B 68 -0.85 -29.46 5.47
CA LEU B 68 -2.28 -29.12 5.57
C LEU B 68 -3.07 -29.63 4.38
N LEU B 69 -2.53 -29.43 3.17
CA LEU B 69 -3.24 -29.89 1.98
C LEU B 69 -3.26 -31.40 1.86
N SER B 70 -2.32 -32.12 2.49
CA SER B 70 -2.39 -33.58 2.50
C SER B 70 -3.58 -34.09 3.32
N ALA B 71 -4.17 -33.24 4.15
CA ALA B 71 -5.33 -33.56 4.96
C ALA B 71 -6.62 -33.03 4.34
N GLN B 72 -6.55 -32.51 3.11
CA GLN B 72 -7.73 -32.01 2.44
C GLN B 72 -8.72 -33.14 2.20
N TRP B 73 -10.00 -32.86 2.45
CA TRP B 73 -11.06 -33.83 2.16
C TRP B 73 -11.25 -34.01 0.65
N ARG B 74 -11.89 -35.12 0.30
CA ARG B 74 -12.09 -35.48 -1.11
C ARG B 74 -13.02 -34.50 -1.82
N ASN B 75 -13.92 -33.84 -1.09
CA ASN B 75 -14.76 -32.83 -1.73
C ASN B 75 -14.07 -31.47 -1.84
N GLY B 76 -12.86 -31.32 -1.31
CA GLY B 76 -12.11 -30.07 -1.36
C GLY B 76 -12.01 -29.32 -0.05
N MET B 77 -12.83 -29.68 0.95
CA MET B 77 -12.82 -28.95 2.21
C MET B 77 -11.48 -29.09 2.90
N ILE B 78 -10.90 -27.96 3.34
CA ILE B 78 -9.78 -27.99 4.28
C ILE B 78 -10.37 -28.02 5.69
N PRO B 79 -10.15 -29.09 6.46
CA PRO B 79 -10.72 -29.17 7.81
C PRO B 79 -9.94 -28.27 8.76
N HIS B 80 -10.57 -27.89 9.87
CA HIS B 80 -9.93 -26.87 10.68
C HIS B 80 -8.89 -27.42 11.66
N ILE B 81 -8.91 -28.71 11.98
CA ILE B 81 -7.83 -29.30 12.78
C ILE B 81 -7.25 -30.49 12.03
N VAL B 82 -5.93 -30.55 11.93
CA VAL B 82 -5.20 -31.76 11.57
C VAL B 82 -4.50 -32.22 12.83
N PHE B 83 -4.93 -33.37 13.35
CA PHE B 83 -4.43 -33.85 14.63
C PHE B 83 -3.05 -34.47 14.46
N ALA B 84 -2.19 -34.19 15.44
CA ALA B 84 -0.88 -34.79 15.52
C ALA B 84 -1.02 -36.23 16.01
N ASN B 85 -0.34 -37.15 15.33
CA ASN B 85 -0.47 -38.55 15.71
C ASN B 85 0.16 -38.77 17.08
N GLY B 86 -0.62 -39.34 17.98
CA GLY B 86 -0.15 -39.67 19.31
C GLY B 86 -0.33 -38.58 20.36
N VAL B 87 -0.76 -37.39 19.98
CA VAL B 87 -0.88 -36.29 20.92
C VAL B 87 -2.29 -36.23 21.48
N ASP B 88 -2.39 -36.08 22.81
CA ASP B 88 -3.65 -35.90 23.50
C ASP B 88 -3.69 -34.51 24.15
N GLY B 89 -4.59 -34.29 25.09
CA GLY B 89 -4.64 -33.04 25.80
C GLY B 89 -5.47 -31.96 25.15
N TYR B 90 -6.14 -32.24 24.03
CA TYR B 90 -7.09 -31.32 23.43
C TYR B 90 -8.44 -32.01 23.29
N PHE B 91 -9.52 -31.28 23.57
CA PHE B 91 -10.87 -31.77 23.41
C PHE B 91 -11.70 -30.73 22.67
N PRO B 92 -12.53 -31.14 21.69
CA PRO B 92 -12.78 -32.50 21.18
C PRO B 92 -11.67 -33.05 20.31
N GLY B 93 -11.20 -34.26 20.63
CA GLY B 93 -10.18 -34.90 19.85
C GLY B 93 -10.79 -35.77 18.76
N PRO B 94 -9.93 -36.51 18.04
CA PRO B 94 -10.42 -37.27 16.89
C PRO B 94 -11.47 -38.32 17.22
N ALA B 95 -11.44 -38.90 18.41
CA ALA B 95 -12.46 -39.88 18.75
C ALA B 95 -13.83 -39.22 18.85
N ARG B 96 -13.87 -37.97 19.32
CA ARG B 96 -15.16 -37.29 19.44
C ARG B 96 -15.72 -36.93 18.06
N TRP B 97 -14.86 -36.42 17.17
CA TRP B 97 -15.29 -36.09 15.82
C TRP B 97 -15.72 -37.33 15.04
N ALA B 98 -14.97 -38.43 15.20
CA ALA B 98 -15.22 -39.70 14.52
C ALA B 98 -15.25 -39.58 13.00
N THR B 99 -14.58 -38.57 12.43
CA THR B 99 -14.61 -38.39 10.98
C THR B 99 -14.01 -39.57 10.23
N ALA B 100 -12.91 -40.13 10.73
CA ALA B 100 -12.29 -41.26 10.05
C ALA B 100 -13.26 -42.41 9.87
N THR B 101 -14.24 -42.55 10.77
CA THR B 101 -15.23 -43.62 10.67
C THR B 101 -16.39 -43.25 9.75
N LEU B 102 -16.93 -42.04 9.92
CA LEU B 102 -18.23 -41.67 9.39
C LEU B 102 -18.16 -40.93 8.06
N ALA B 103 -17.19 -40.04 7.88
CA ALA B 103 -17.17 -39.12 6.74
C ALA B 103 -16.50 -39.79 5.55
N ASP B 104 -17.29 -40.15 4.53
CA ASP B 104 -16.73 -40.74 3.32
C ASP B 104 -15.65 -39.83 2.69
N ASN B 105 -15.76 -38.53 2.86
CA ASN B 105 -14.81 -37.62 2.23
C ASN B 105 -13.55 -37.39 3.06
N ALA B 106 -13.45 -37.95 4.24
CA ALA B 106 -12.30 -37.68 5.08
C ALA B 106 -11.03 -38.23 4.45
N PRO B 107 -9.87 -37.67 4.77
CA PRO B 107 -8.62 -38.15 4.18
C PRO B 107 -8.17 -39.48 4.77
N ARG B 108 -7.32 -40.17 4.00
CA ARG B 108 -6.65 -41.39 4.46
C ARG B 108 -5.29 -41.08 5.08
N ASN B 109 -5.00 -41.74 6.19
CA ASN B 109 -3.75 -41.53 6.95
C ASN B 109 -3.56 -40.08 7.37
N ARG B 110 -4.67 -39.41 7.68
CA ARG B 110 -4.68 -38.21 8.50
C ARG B 110 -5.95 -38.24 9.33
N LEU B 111 -5.83 -37.85 10.59
CA LEU B 111 -6.99 -37.61 11.44
C LEU B 111 -7.28 -36.11 11.43
N THR B 112 -8.54 -35.74 11.18
CA THR B 112 -8.93 -34.35 11.06
C THR B 112 -10.27 -34.12 11.77
N SER B 113 -10.59 -32.84 11.95
CA SER B 113 -11.92 -32.43 12.37
C SER B 113 -12.87 -32.55 11.18
N GLY B 114 -14.12 -32.14 11.37
CA GLY B 114 -15.11 -32.30 10.33
C GLY B 114 -15.76 -31.00 9.92
N ILE B 115 -15.10 -29.88 10.24
CA ILE B 115 -15.58 -28.54 9.93
C ILE B 115 -14.39 -27.76 9.39
N THR B 116 -14.68 -26.58 8.83
CA THR B 116 -13.69 -25.81 8.08
C THR B 116 -13.29 -24.54 8.85
N GLN B 117 -12.53 -23.66 8.18
CA GLN B 117 -12.06 -22.40 8.77
C GLN B 117 -11.70 -21.44 7.64
N PRO B 118 -11.48 -20.15 7.94
CA PRO B 118 -11.42 -19.14 6.86
C PRO B 118 -10.28 -19.41 5.90
N PRO B 119 -10.46 -19.07 4.63
CA PRO B 119 -9.46 -19.36 3.57
C PRO B 119 -8.36 -18.31 3.40
N VAL B 120 -7.53 -18.12 4.43
CA VAL B 120 -6.39 -17.21 4.32
C VAL B 120 -5.21 -17.82 3.58
N HIS B 121 -5.33 -19.09 3.15
CA HIS B 121 -4.19 -19.82 2.60
C HIS B 121 -3.59 -19.16 1.36
N ALA B 122 -4.42 -18.66 0.44
CA ALA B 122 -3.86 -18.01 -0.74
C ALA B 122 -2.98 -16.81 -0.35
N ILE B 123 -3.32 -16.12 0.72
CA ILE B 123 -2.49 -15.00 1.18
C ILE B 123 -1.12 -15.51 1.61
N ALA B 124 -1.09 -16.62 2.35
CA ALA B 124 0.19 -17.21 2.71
C ALA B 124 0.98 -17.58 1.45
N VAL B 125 0.29 -18.11 0.42
CA VAL B 125 0.99 -18.44 -0.82
C VAL B 125 1.63 -17.21 -1.44
N GLN B 126 0.91 -16.08 -1.47
N GLN B 126 0.91 -16.08 -1.47
CA GLN B 126 1.49 -14.86 -2.01
CA GLN B 126 1.48 -14.86 -2.00
C GLN B 126 2.76 -14.47 -1.24
C GLN B 126 2.74 -14.45 -1.24
N ARG B 127 2.72 -14.54 0.09
CA ARG B 127 3.89 -14.13 0.88
C ARG B 127 5.07 -15.05 0.64
N ILE B 128 4.84 -16.36 0.51
CA ILE B 128 5.93 -17.28 0.18
C ILE B 128 6.53 -16.93 -1.17
N LEU B 129 5.67 -16.67 -2.16
CA LEU B 129 6.18 -16.33 -3.48
C LEU B 129 6.98 -15.02 -3.43
N GLU B 130 6.49 -14.03 -2.69
CA GLU B 130 7.21 -12.75 -2.62
C GLU B 130 8.59 -12.91 -2.00
N HIS B 131 8.68 -13.65 -0.89
CA HIS B 131 9.97 -13.98 -0.29
C HIS B 131 10.84 -14.74 -1.26
N ALA B 132 10.27 -15.76 -1.92
CA ALA B 132 11.07 -16.60 -2.81
C ALA B 132 11.67 -15.77 -3.94
N ARG B 133 10.93 -14.81 -4.47
CA ARG B 133 11.47 -14.02 -5.57
C ARG B 133 12.61 -13.11 -5.13
N THR B 134 12.75 -12.82 -3.84
CA THR B 134 13.93 -12.08 -3.41
C THR B 134 15.14 -12.96 -3.12
N ARG B 135 15.02 -14.28 -3.16
CA ARG B 135 16.11 -15.17 -2.75
C ARG B 135 16.80 -15.89 -3.91
N GLY B 136 16.44 -15.63 -5.16
CA GLY B 136 17.19 -16.26 -6.22
C GLY B 136 16.64 -17.62 -6.63
N ARG B 137 17.39 -18.25 -7.55
CA ARG B 137 16.79 -19.21 -8.49
C ARG B 137 16.37 -20.52 -7.81
N SER B 138 17.19 -21.08 -6.93
CA SER B 138 16.82 -22.36 -6.34
C SER B 138 15.68 -22.21 -5.35
N THR B 139 15.60 -21.07 -4.65
CA THR B 139 14.46 -20.84 -3.78
C THR B 139 13.19 -20.63 -4.59
N ARG B 140 13.28 -19.92 -5.72
CA ARG B 140 12.12 -19.76 -6.59
C ARG B 140 11.62 -21.10 -7.12
N ALA B 141 12.55 -21.99 -7.50
CA ALA B 141 12.17 -23.32 -7.95
C ALA B 141 11.34 -24.04 -6.89
N VAL B 142 11.70 -23.89 -5.62
CA VAL B 142 10.97 -24.53 -4.54
C VAL B 142 9.54 -24.03 -4.51
N ALA B 143 9.36 -22.70 -4.51
CA ALA B 143 8.02 -22.14 -4.44
C ALA B 143 7.22 -22.49 -5.70
N GLU B 144 7.88 -22.45 -6.86
CA GLU B 144 7.20 -22.78 -8.11
C GLU B 144 6.86 -24.26 -8.19
N ALA B 145 7.72 -25.13 -7.67
CA ALA B 145 7.35 -26.55 -7.67
C ALA B 145 6.13 -26.78 -6.76
N PHE B 146 6.03 -26.01 -5.68
CA PHE B 146 4.87 -26.13 -4.79
C PHE B 146 3.59 -25.73 -5.53
N LEU B 147 3.66 -24.66 -6.31
CA LEU B 147 2.53 -24.23 -7.13
C LEU B 147 2.09 -25.32 -8.12
N ASP B 148 3.03 -25.94 -8.82
CA ASP B 148 2.65 -27.04 -9.71
C ASP B 148 1.98 -28.16 -8.93
N ARG B 149 2.48 -28.44 -7.74
CA ARG B 149 2.00 -29.55 -6.94
C ARG B 149 0.61 -29.28 -6.36
N ARG B 150 0.35 -28.05 -5.92
CA ARG B 150 -0.82 -27.78 -5.10
C ARG B 150 -1.83 -26.80 -5.72
N TRP B 151 -1.59 -26.32 -6.93
CA TRP B 151 -2.56 -25.42 -7.56
C TRP B 151 -3.94 -26.08 -7.65
N GLY B 152 -3.99 -27.33 -8.10
CA GLY B 152 -5.28 -28.00 -8.22
C GLY B 152 -5.99 -28.16 -6.89
N ASP B 153 -5.24 -28.47 -5.83
CA ASP B 153 -5.82 -28.58 -4.49
C ASP B 153 -6.35 -27.23 -4.01
N LEU B 154 -5.59 -26.15 -4.23
CA LEU B 154 -6.09 -24.84 -3.84
C LEU B 154 -7.37 -24.50 -4.60
N MET B 155 -7.41 -24.81 -5.91
CA MET B 155 -8.62 -24.60 -6.70
C MET B 155 -9.80 -25.38 -6.10
N ARG B 156 -9.58 -26.63 -5.71
CA ARG B 156 -10.68 -27.45 -5.22
C ARG B 156 -11.14 -26.96 -3.85
N TRP B 157 -10.23 -26.40 -3.05
CA TRP B 157 -10.60 -25.73 -1.81
C TRP B 157 -11.55 -24.56 -2.08
N HIS B 158 -11.16 -23.66 -2.98
CA HIS B 158 -12.01 -22.53 -3.32
C HIS B 158 -13.31 -22.97 -3.96
N ARG B 159 -13.26 -23.98 -4.82
CA ARG B 159 -14.46 -24.43 -5.50
C ARG B 159 -15.46 -25.03 -4.51
N TRP B 160 -14.96 -25.74 -3.48
CA TRP B 160 -15.89 -26.33 -2.51
C TRP B 160 -16.59 -25.25 -1.68
N LEU B 161 -15.85 -24.20 -1.30
CA LEU B 161 -16.48 -23.06 -0.63
C LEU B 161 -17.54 -22.41 -1.51
N ALA B 162 -17.21 -22.12 -2.78
CA ALA B 162 -18.15 -21.40 -3.64
C ALA B 162 -19.39 -22.22 -3.94
N GLU B 163 -19.26 -23.55 -4.03
CA GLU B 163 -20.38 -24.37 -4.50
C GLU B 163 -21.12 -25.10 -3.38
N CYS B 164 -20.46 -25.52 -2.31
CA CYS B 164 -21.17 -26.23 -1.26
C CYS B 164 -21.52 -25.35 -0.07
N ARG B 165 -20.80 -24.26 0.18
CA ARG B 165 -21.15 -23.37 1.27
C ARG B 165 -21.79 -22.07 0.77
N ASP B 166 -22.04 -21.94 -0.54
CA ASP B 166 -22.87 -20.87 -1.10
C ASP B 166 -23.77 -21.50 -2.16
N ARG B 167 -24.64 -22.40 -1.70
CA ARG B 167 -25.46 -23.21 -2.60
C ARG B 167 -26.45 -22.39 -3.41
N ASN B 168 -26.80 -21.19 -2.97
CA ASN B 168 -27.78 -20.36 -3.67
C ASN B 168 -27.14 -19.22 -4.46
N GLU B 169 -25.81 -19.23 -4.59
CA GLU B 169 -25.08 -18.18 -5.28
C GLU B 169 -25.48 -16.80 -4.73
N ARG B 170 -25.38 -16.66 -3.41
CA ARG B 170 -25.63 -15.41 -2.72
C ARG B 170 -24.36 -14.63 -2.42
N GLY B 171 -23.19 -15.24 -2.63
CA GLY B 171 -21.94 -14.56 -2.40
C GLY B 171 -21.60 -14.42 -0.93
N ARG B 172 -22.08 -15.35 -0.10
CA ARG B 172 -21.72 -15.42 1.30
C ARG B 172 -21.53 -16.88 1.68
N ILE B 173 -20.61 -17.13 2.61
CA ILE B 173 -20.34 -18.50 3.05
C ILE B 173 -21.25 -18.85 4.23
N THR B 174 -21.94 -19.97 4.09
CA THR B 174 -22.74 -20.51 5.19
C THR B 174 -21.86 -21.35 6.12
N LEU B 175 -21.95 -21.10 7.42
CA LEU B 175 -21.27 -21.90 8.42
C LEU B 175 -22.27 -22.75 9.18
N TYR B 176 -21.80 -23.90 9.66
CA TYR B 176 -22.61 -24.81 10.46
C TYR B 176 -22.12 -24.92 11.90
N HIS B 177 -21.07 -24.18 12.25
CA HIS B 177 -20.53 -24.14 13.60
C HIS B 177 -19.82 -22.80 13.77
N GLY B 178 -19.96 -22.18 14.94
CA GLY B 178 -19.24 -20.94 15.19
C GLY B 178 -17.74 -21.12 15.14
N TRP B 179 -17.25 -22.33 15.46
CA TRP B 179 -15.83 -22.64 15.35
C TRP B 179 -15.30 -22.37 13.94
N GLU B 180 -16.14 -22.54 12.92
CA GLU B 180 -15.70 -22.32 11.55
C GLU B 180 -15.39 -20.85 11.27
N SER B 181 -15.96 -19.94 12.04
CA SER B 181 -15.67 -18.52 11.85
C SER B 181 -14.29 -18.13 12.37
N GLY B 182 -13.65 -19.00 13.15
CA GLY B 182 -12.49 -18.62 13.90
C GLY B 182 -12.75 -17.81 15.14
N MET B 183 -13.95 -17.26 15.31
CA MET B 183 -14.27 -16.39 16.44
C MET B 183 -15.30 -17.10 17.33
N ASP B 184 -14.81 -18.07 18.10
CA ASP B 184 -15.66 -19.08 18.75
C ASP B 184 -16.82 -18.46 19.54
N ASN B 185 -16.51 -17.62 20.53
CA ASN B 185 -17.54 -17.06 21.40
C ASN B 185 -17.88 -15.62 21.05
N SER B 186 -17.73 -15.24 19.78
CA SER B 186 -18.06 -13.88 19.38
C SER B 186 -19.53 -13.56 19.67
N PRO B 187 -19.83 -12.34 20.12
CA PRO B 187 -21.23 -11.90 20.22
C PRO B 187 -22.01 -12.08 18.93
N ARG B 188 -21.31 -12.10 17.78
CA ARG B 188 -21.95 -12.32 16.49
C ARG B 188 -22.91 -13.51 16.51
N TRP B 189 -22.53 -14.59 17.20
CA TRP B 189 -23.27 -15.84 17.10
C TRP B 189 -24.19 -16.07 18.29
N ASP B 190 -24.34 -15.09 19.18
CA ASP B 190 -25.08 -15.32 20.41
C ASP B 190 -26.55 -15.64 20.15
N SER B 191 -27.20 -14.91 19.25
CA SER B 191 -28.61 -15.19 19.02
C SER B 191 -28.84 -16.43 18.16
N ALA B 192 -27.87 -16.83 17.33
CA ALA B 192 -27.99 -18.11 16.65
C ALA B 192 -27.78 -19.27 17.62
N TYR B 193 -26.83 -19.13 18.54
CA TYR B 193 -26.60 -20.18 19.53
C TYR B 193 -27.76 -20.29 20.52
N ALA B 194 -28.47 -19.20 20.78
CA ALA B 194 -29.60 -19.27 21.70
C ALA B 194 -30.69 -20.21 21.20
N ASN B 195 -30.72 -20.51 19.91
CA ASN B 195 -31.70 -21.44 19.36
C ASN B 195 -31.13 -22.84 19.15
N VAL B 196 -29.95 -23.13 19.70
CA VAL B 196 -29.40 -24.48 19.69
C VAL B 196 -29.77 -25.13 21.01
N VAL B 197 -30.61 -26.16 20.95
CA VAL B 197 -31.12 -26.85 22.13
C VAL B 197 -30.64 -28.29 22.10
N PRO B 198 -29.63 -28.65 22.89
CA PRO B 198 -29.06 -30.00 22.81
C PRO B 198 -30.00 -31.05 23.38
N GLY B 199 -29.93 -32.24 22.79
CA GLY B 199 -30.65 -33.40 23.30
C GLY B 199 -29.79 -34.12 24.31
N LYS B 200 -29.86 -35.46 24.32
CA LYS B 200 -28.97 -36.23 25.18
C LYS B 200 -27.56 -36.14 24.61
N LEU B 201 -26.70 -35.38 25.28
CA LEU B 201 -25.35 -35.14 24.80
C LEU B 201 -24.39 -36.07 25.51
N PRO B 202 -23.58 -36.85 24.81
CA PRO B 202 -22.71 -37.82 25.50
C PRO B 202 -21.68 -37.08 26.35
N GLU B 203 -21.47 -37.60 27.56
CA GLU B 203 -20.69 -36.88 28.57
C GLU B 203 -19.30 -36.51 28.06
N TYR B 204 -18.72 -35.47 28.65
CA TYR B 204 -17.41 -35.02 28.22
C TYR B 204 -16.79 -34.15 29.30
N GLN B 205 -15.46 -34.08 29.26
CA GLN B 205 -14.69 -33.25 30.16
C GLN B 205 -13.85 -32.28 29.33
N ARG B 206 -14.02 -30.98 29.55
CA ARG B 206 -13.22 -30.01 28.81
C ARG B 206 -11.75 -30.16 29.17
N ALA B 207 -10.89 -29.92 28.18
CA ALA B 207 -9.46 -29.83 28.41
C ALA B 207 -8.92 -28.42 28.29
N ASP B 208 -9.60 -27.52 27.56
CA ASP B 208 -9.04 -26.19 27.33
C ASP B 208 -8.87 -25.43 28.64
N ASN B 209 -9.85 -25.53 29.55
CA ASN B 209 -9.79 -24.76 30.78
C ASN B 209 -9.03 -25.48 31.90
N VAL B 210 -8.48 -26.66 31.64
CA VAL B 210 -7.47 -27.20 32.54
C VAL B 210 -6.14 -26.48 32.32
N ILE B 211 -5.89 -26.02 31.09
CA ILE B 211 -4.67 -25.29 30.75
C ILE B 211 -4.82 -23.79 30.99
N ILE B 212 -5.86 -23.17 30.42
CA ILE B 212 -6.23 -21.79 30.73
C ILE B 212 -7.28 -21.84 31.83
N THR B 213 -6.87 -21.61 33.09
CA THR B 213 -7.75 -21.84 34.22
C THR B 213 -8.55 -20.62 34.64
N ASP B 214 -8.13 -19.41 34.27
CA ASP B 214 -8.91 -18.23 34.58
C ASP B 214 -10.23 -18.30 33.82
N PRO B 215 -11.37 -18.51 34.50
CA PRO B 215 -12.64 -18.73 33.76
C PRO B 215 -13.04 -17.56 32.86
N SER B 216 -12.55 -16.36 33.14
CA SER B 216 -12.90 -15.17 32.38
C SER B 216 -12.23 -15.11 31.01
N GLN B 217 -11.29 -16.02 30.70
CA GLN B 217 -10.57 -15.98 29.43
C GLN B 217 -11.01 -17.01 28.40
N ARG B 218 -12.00 -17.85 28.72
CA ARG B 218 -12.47 -18.92 27.85
C ARG B 218 -13.99 -18.93 27.86
N PRO B 219 -14.63 -19.58 26.90
CA PRO B 219 -16.10 -19.68 26.92
C PRO B 219 -16.59 -20.52 28.10
N SER B 220 -17.89 -20.43 28.33
CA SER B 220 -18.54 -21.08 29.47
C SER B 220 -18.88 -22.53 29.15
N ASP B 221 -19.27 -23.27 30.19
CA ASP B 221 -19.70 -24.66 30.01
C ASP B 221 -20.98 -24.75 29.18
N GLY B 222 -21.92 -23.84 29.40
CA GLY B 222 -23.10 -23.81 28.55
C GLY B 222 -22.76 -23.61 27.08
N GLU B 223 -21.81 -22.72 26.80
CA GLU B 223 -21.38 -22.51 25.42
C GLU B 223 -20.79 -23.79 24.84
N TYR B 224 -19.90 -24.44 25.59
CA TYR B 224 -19.32 -25.69 25.12
C TYR B 224 -20.36 -26.78 24.91
N ASP B 225 -21.42 -26.82 25.72
CA ASP B 225 -22.47 -27.83 25.49
C ASP B 225 -23.15 -27.65 24.13
N ARG B 226 -23.28 -26.41 23.67
CA ARG B 226 -23.84 -26.18 22.35
C ARG B 226 -22.85 -26.50 21.23
N TYR B 227 -21.57 -26.15 21.42
CA TYR B 227 -20.53 -26.53 20.47
C TYR B 227 -20.54 -28.05 20.25
N LEU B 228 -20.62 -28.81 21.34
CA LEU B 228 -20.53 -30.25 21.23
C LEU B 228 -21.81 -30.86 20.68
N TRP B 229 -22.95 -30.22 20.91
CA TRP B 229 -24.19 -30.77 20.38
C TRP B 229 -24.25 -30.67 18.85
N LEU B 230 -23.73 -29.57 18.28
CA LEU B 230 -23.68 -29.45 16.82
C LEU B 230 -22.84 -30.54 16.18
N LEU B 231 -21.76 -30.96 16.86
CA LEU B 231 -21.03 -32.14 16.42
C LEU B 231 -21.95 -33.35 16.32
N GLU B 232 -22.78 -33.57 17.34
CA GLU B 232 -23.67 -34.73 17.29
C GLU B 232 -24.57 -34.65 16.07
N GLU B 233 -25.08 -33.46 15.75
CA GLU B 233 -25.94 -33.32 14.58
C GLU B 233 -25.19 -33.67 13.31
N MET B 234 -23.95 -33.20 13.18
CA MET B 234 -23.16 -33.49 11.98
C MET B 234 -22.85 -34.98 11.87
N LYS B 235 -22.48 -35.60 12.99
CA LYS B 235 -22.13 -37.01 12.92
C LYS B 235 -23.33 -37.85 12.51
N ALA B 236 -24.54 -37.40 12.87
CA ALA B 236 -25.74 -38.19 12.56
C ALA B 236 -26.03 -38.24 11.07
N VAL B 237 -25.52 -37.30 10.28
CA VAL B 237 -25.63 -37.38 8.83
C VAL B 237 -24.29 -37.71 8.18
N ARG B 238 -23.35 -38.24 8.97
CA ARG B 238 -22.02 -38.65 8.49
C ARG B 238 -21.35 -37.54 7.69
N TYR B 239 -21.49 -36.31 8.17
CA TYR B 239 -20.83 -35.13 7.59
C TYR B 239 -21.14 -34.97 6.09
N ASP B 240 -22.28 -35.48 5.66
CA ASP B 240 -22.69 -35.39 4.26
C ASP B 240 -23.11 -33.96 3.95
N ASP B 241 -22.46 -33.34 2.94
CA ASP B 241 -22.76 -31.97 2.57
C ASP B 241 -24.24 -31.76 2.26
N GLU B 242 -24.79 -32.55 1.34
CA GLU B 242 -26.17 -32.36 0.91
C GLU B 242 -27.18 -32.53 2.05
N ARG B 243 -26.82 -33.20 3.13
CA ARG B 243 -27.77 -33.42 4.20
C ARG B 243 -27.68 -32.37 5.29
N LEU B 244 -26.55 -31.68 5.42
CA LEU B 244 -26.40 -30.74 6.52
C LEU B 244 -27.50 -29.68 6.57
N PRO B 245 -27.95 -29.07 5.46
CA PRO B 245 -28.99 -28.04 5.58
C PRO B 245 -30.25 -28.56 6.23
N SER B 246 -30.52 -29.86 6.13
CA SER B 246 -31.75 -30.41 6.68
C SER B 246 -31.70 -30.62 8.17
N VAL B 247 -30.52 -30.70 8.78
CA VAL B 247 -30.42 -31.15 10.15
C VAL B 247 -29.72 -30.17 11.08
N MET B 248 -28.93 -29.22 10.57
CA MET B 248 -28.11 -28.40 11.47
C MET B 248 -28.95 -27.34 12.16
N SER B 249 -28.80 -27.22 13.47
N SER B 249 -28.80 -27.23 13.47
CA SER B 249 -29.52 -26.23 14.25
CA SER B 249 -29.51 -26.24 14.27
C SER B 249 -28.81 -24.87 14.26
C SER B 249 -28.83 -24.87 14.23
N PHE B 250 -27.70 -24.74 13.54
CA PHE B 250 -26.92 -23.50 13.46
C PHE B 250 -26.53 -23.34 12.01
N GLN B 251 -27.11 -22.36 11.31
CA GLN B 251 -26.76 -22.09 9.92
C GLN B 251 -26.72 -20.58 9.75
N VAL B 252 -25.51 -20.03 9.61
CA VAL B 252 -25.31 -18.58 9.49
C VAL B 252 -24.42 -18.30 8.30
N GLU B 253 -24.67 -17.16 7.67
CA GLU B 253 -23.75 -16.63 6.69
C GLU B 253 -22.79 -15.69 7.39
N ASP B 254 -21.50 -15.95 7.21
CA ASP B 254 -20.42 -15.28 7.92
C ASP B 254 -19.82 -14.24 6.97
N VAL B 255 -20.09 -12.96 7.23
CA VAL B 255 -19.69 -11.92 6.28
C VAL B 255 -18.18 -11.71 6.31
N PHE B 256 -17.54 -11.93 7.46
CA PHE B 256 -16.09 -11.77 7.57
C PHE B 256 -15.37 -12.89 6.83
N PHE B 257 -15.79 -14.13 7.05
CA PHE B 257 -15.29 -15.27 6.29
C PHE B 257 -15.48 -15.02 4.78
N SER B 258 -16.64 -14.45 4.39
CA SER B 258 -16.91 -14.20 2.98
C SER B 258 -15.98 -13.12 2.41
N ALA B 259 -15.73 -12.06 3.17
CA ALA B 259 -14.80 -11.03 2.70
C ALA B 259 -13.40 -11.61 2.53
N ILE B 260 -12.98 -12.45 3.47
CA ILE B 260 -11.68 -13.08 3.34
C ILE B 260 -11.64 -13.92 2.07
N PHE B 261 -12.71 -14.68 1.82
CA PHE B 261 -12.74 -15.52 0.63
C PHE B 261 -12.64 -14.69 -0.64
N SER B 262 -13.35 -13.55 -0.69
CA SER B 262 -13.27 -12.69 -1.87
C SER B 262 -11.82 -12.26 -2.13
N VAL B 263 -11.15 -11.76 -1.08
CA VAL B 263 -9.74 -11.39 -1.16
C VAL B 263 -8.88 -12.58 -1.60
N ALA B 264 -9.01 -13.71 -0.91
CA ALA B 264 -8.24 -14.90 -1.29
C ALA B 264 -8.41 -15.26 -2.76
N CYS B 265 -9.64 -15.18 -3.28
CA CYS B 265 -9.89 -15.48 -4.69
C CYS B 265 -9.15 -14.52 -5.61
N GLN B 266 -9.18 -13.23 -5.26
CA GLN B 266 -8.48 -12.23 -6.06
C GLN B 266 -6.97 -12.47 -6.02
N VAL B 267 -6.43 -12.77 -4.83
CA VAL B 267 -5.01 -13.09 -4.70
C VAL B 267 -4.66 -14.32 -5.55
N LEU B 268 -5.43 -15.38 -5.42
CA LEU B 268 -5.12 -16.61 -6.15
C LEU B 268 -5.22 -16.38 -7.66
N ALA B 269 -6.18 -15.56 -8.09
CA ALA B 269 -6.32 -15.30 -9.51
C ALA B 269 -5.07 -14.62 -10.06
N GLU B 270 -4.56 -13.64 -9.33
CA GLU B 270 -3.35 -12.94 -9.75
C GLU B 270 -2.15 -13.87 -9.77
N ILE B 271 -1.99 -14.72 -8.74
CA ILE B 271 -0.95 -15.75 -8.77
C ILE B 271 -1.11 -16.61 -10.02
N GLY B 272 -2.34 -17.04 -10.30
CA GLY B 272 -2.60 -17.87 -11.47
C GLY B 272 -2.21 -17.21 -12.78
N GLU B 273 -2.43 -15.90 -12.89
CA GLU B 273 -1.98 -15.17 -14.09
C GLU B 273 -0.45 -15.13 -14.16
N ASP B 274 0.22 -14.71 -13.08
CA ASP B 274 1.67 -14.60 -13.07
C ASP B 274 2.35 -15.91 -13.40
N TYR B 275 1.79 -17.04 -12.95
CA TYR B 275 2.43 -18.34 -13.15
C TYR B 275 1.72 -19.20 -14.22
N LYS B 276 0.94 -18.55 -15.09
CA LYS B 276 0.36 -19.20 -16.27
C LYS B 276 -0.38 -20.50 -15.92
N ARG B 277 -1.31 -20.40 -14.97
CA ARG B 277 -2.23 -21.47 -14.66
C ARG B 277 -3.34 -21.51 -15.71
N PRO B 278 -4.18 -22.55 -15.71
CA PRO B 278 -5.27 -22.61 -16.71
C PRO B 278 -6.17 -21.38 -16.65
N HIS B 279 -6.53 -20.88 -17.84
CA HIS B 279 -7.37 -19.70 -17.93
C HIS B 279 -8.74 -19.92 -17.32
N ALA B 280 -9.31 -21.13 -17.49
CA ALA B 280 -10.62 -21.42 -16.93
C ALA B 280 -10.62 -21.23 -15.42
N ASP B 281 -9.51 -21.60 -14.77
CA ASP B 281 -9.38 -21.46 -13.32
C ASP B 281 -9.29 -19.99 -12.91
N VAL B 282 -8.48 -19.21 -13.62
CA VAL B 282 -8.31 -17.80 -13.26
C VAL B 282 -9.64 -17.08 -13.42
N LYS B 283 -10.38 -17.40 -14.49
CA LYS B 283 -11.69 -16.81 -14.73
C LYS B 283 -12.68 -17.14 -13.59
N ASP B 284 -12.76 -18.41 -13.17
CA ASP B 284 -13.62 -18.74 -12.01
C ASP B 284 -13.20 -17.98 -10.76
N LEU B 285 -11.89 -17.85 -10.53
CA LEU B 285 -11.41 -17.17 -9.33
C LEU B 285 -11.82 -15.70 -9.34
N TYR B 286 -11.75 -15.04 -10.51
CA TYR B 286 -12.19 -13.66 -10.57
C TYR B 286 -13.70 -13.58 -10.42
N LEU B 287 -14.43 -14.56 -10.98
CA LEU B 287 -15.88 -14.58 -10.81
C LEU B 287 -16.25 -14.69 -9.33
N TRP B 288 -15.60 -15.60 -8.61
CA TRP B 288 -15.89 -15.75 -7.18
C TRP B 288 -15.49 -14.51 -6.40
N ALA B 289 -14.33 -13.91 -6.72
CA ALA B 289 -13.91 -12.72 -6.01
C ALA B 289 -14.99 -11.64 -6.07
N GLU B 290 -15.62 -11.48 -7.23
CA GLU B 290 -16.63 -10.43 -7.39
C GLU B 290 -17.96 -10.83 -6.75
N ARG B 291 -18.39 -12.09 -6.91
CA ARG B 291 -19.64 -12.53 -6.30
C ARG B 291 -19.63 -12.31 -4.79
N PHE B 292 -18.51 -12.64 -4.14
CA PHE B 292 -18.42 -12.54 -2.69
C PHE B 292 -18.16 -11.10 -2.23
N ARG B 293 -17.47 -10.29 -3.04
CA ARG B 293 -17.42 -8.85 -2.80
C ARG B 293 -18.84 -8.27 -2.77
N ALA B 294 -19.65 -8.63 -3.76
CA ALA B 294 -21.03 -8.15 -3.83
C ALA B 294 -21.88 -8.72 -2.71
N GLY B 295 -21.66 -9.99 -2.36
CA GLY B 295 -22.41 -10.56 -1.25
C GLY B 295 -22.12 -9.88 0.06
N VAL B 296 -20.86 -9.51 0.28
CA VAL B 296 -20.50 -8.78 1.49
C VAL B 296 -21.18 -7.40 1.51
N VAL B 297 -21.15 -6.69 0.39
CA VAL B 297 -21.71 -5.34 0.37
C VAL B 297 -23.22 -5.37 0.57
N GLU B 298 -23.88 -6.42 0.09
CA GLU B 298 -25.32 -6.53 0.27
C GLU B 298 -25.72 -6.57 1.74
N THR B 299 -24.83 -7.01 2.64
CA THR B 299 -25.15 -7.02 4.06
C THR B 299 -25.01 -5.65 4.75
N THR B 300 -24.54 -4.61 4.09
CA THR B 300 -24.07 -3.48 4.88
C THR B 300 -25.18 -2.47 5.18
N ASP B 301 -25.03 -1.84 6.33
CA ASP B 301 -25.87 -0.72 6.72
C ASP B 301 -25.66 0.43 5.75
N GLN B 302 -26.77 1.03 5.30
CA GLN B 302 -26.69 2.09 4.28
C GLN B 302 -26.00 3.35 4.80
N ARG B 303 -26.14 3.67 6.09
CA ARG B 303 -25.51 4.88 6.60
C ARG B 303 -24.05 4.65 6.97
N THR B 304 -23.76 3.58 7.73
CA THR B 304 -22.43 3.38 8.29
C THR B 304 -21.53 2.49 7.47
N GLY B 305 -22.07 1.65 6.59
CA GLY B 305 -21.24 0.65 5.95
C GLY B 305 -21.00 -0.61 6.76
N ALA B 306 -21.49 -0.70 7.99
CA ALA B 306 -21.18 -1.87 8.79
C ALA B 306 -21.80 -3.13 8.19
N ALA B 307 -20.97 -4.16 8.03
CA ALA B 307 -21.42 -5.44 7.51
C ALA B 307 -22.09 -6.26 8.60
N ARG B 308 -23.14 -6.99 8.21
CA ARG B 308 -23.97 -7.79 9.10
C ARG B 308 -23.87 -9.26 8.72
N ASP B 309 -23.86 -10.14 9.72
CA ASP B 309 -24.06 -11.56 9.46
C ASP B 309 -25.55 -11.88 9.30
N PHE B 310 -25.85 -13.07 8.79
CA PHE B 310 -27.22 -13.44 8.50
C PHE B 310 -27.51 -14.84 9.06
N ASP B 311 -28.54 -14.93 9.89
CA ASP B 311 -28.97 -16.21 10.45
C ASP B 311 -29.93 -16.84 9.45
N VAL B 312 -29.47 -17.93 8.81
CA VAL B 312 -30.26 -18.54 7.74
C VAL B 312 -31.55 -19.15 8.29
N LEU B 313 -31.47 -19.79 9.46
CA LEU B 313 -32.67 -20.44 10.02
C LEU B 313 -33.69 -19.42 10.49
N ALA B 314 -33.26 -18.42 11.25
CA ALA B 314 -34.19 -17.38 11.71
C ALA B 314 -34.54 -16.40 10.61
N GLU B 315 -33.77 -16.40 9.51
CA GLU B 315 -33.98 -15.48 8.40
C GLU B 315 -33.91 -14.02 8.86
N LYS B 316 -32.85 -13.67 9.56
CA LYS B 316 -32.73 -12.28 9.98
C LYS B 316 -31.27 -11.86 10.06
N TRP B 317 -31.04 -10.57 9.81
CA TRP B 317 -29.72 -9.98 9.94
C TRP B 317 -29.29 -9.96 11.40
N LEU B 318 -28.04 -10.34 11.64
CA LEU B 318 -27.45 -10.33 12.98
C LEU B 318 -26.69 -9.02 13.13
N VAL B 319 -27.18 -8.13 13.98
CA VAL B 319 -26.60 -6.81 14.16
C VAL B 319 -25.81 -6.83 15.47
N THR B 320 -24.48 -6.78 15.36
CA THR B 320 -23.57 -6.80 16.50
C THR B 320 -22.46 -5.79 16.26
N GLU B 321 -21.73 -5.46 17.32
CA GLU B 321 -20.68 -4.44 17.29
C GLU B 321 -19.31 -5.09 17.49
N THR B 322 -18.86 -5.82 16.48
CA THR B 322 -17.57 -6.49 16.55
C THR B 322 -16.73 -6.12 15.34
N ALA B 323 -15.49 -6.61 15.35
CA ALA B 323 -14.56 -6.32 14.27
C ALA B 323 -15.03 -6.87 12.93
N ALA B 324 -15.91 -7.89 12.93
CA ALA B 324 -16.46 -8.43 11.68
C ALA B 324 -17.24 -7.39 10.88
N GLN B 325 -17.80 -6.36 11.54
CA GLN B 325 -18.45 -5.25 10.84
C GLN B 325 -17.61 -4.65 9.74
N PHE B 326 -16.28 -4.70 9.87
CA PHE B 326 -15.35 -4.08 8.95
C PHE B 326 -14.93 -5.00 7.80
N ALA B 327 -15.59 -6.16 7.66
CA ALA B 327 -15.44 -7.01 6.48
C ALA B 327 -15.33 -6.26 5.15
N PRO B 328 -16.16 -5.26 4.85
CA PRO B 328 -16.07 -4.64 3.51
C PRO B 328 -14.77 -3.90 3.27
N LEU B 329 -14.07 -3.46 4.32
CA LEU B 329 -12.77 -2.82 4.13
C LEU B 329 -11.73 -3.77 3.56
N LEU B 330 -11.86 -5.07 3.83
CA LEU B 330 -10.86 -6.01 3.33
C LEU B 330 -11.01 -6.23 1.84
N CYS B 331 -12.24 -6.48 1.40
CA CYS B 331 -12.47 -6.94 0.04
C CYS B 331 -12.82 -5.82 -0.93
N GLY B 332 -13.13 -4.62 -0.45
CA GLY B 332 -13.58 -3.54 -1.31
C GLY B 332 -15.04 -3.67 -1.73
N GLY B 333 -15.48 -2.72 -2.57
CA GLY B 333 -16.78 -2.81 -3.20
C GLY B 333 -17.83 -1.85 -2.67
N LEU B 334 -17.62 -1.21 -1.54
CA LEU B 334 -18.62 -0.28 -1.04
C LEU B 334 -18.65 0.99 -1.92
N PRO B 335 -19.79 1.66 -2.01
CA PRO B 335 -19.78 3.01 -2.57
C PRO B 335 -18.86 3.90 -1.76
N HIS B 336 -18.30 4.90 -2.45
CA HIS B 336 -17.30 5.80 -1.86
C HIS B 336 -17.74 6.38 -0.53
N ASP B 337 -18.91 7.04 -0.51
CA ASP B 337 -19.41 7.66 0.72
C ASP B 337 -19.54 6.64 1.84
N ARG B 338 -20.05 5.45 1.52
CA ARG B 338 -20.33 4.48 2.56
C ARG B 338 -19.04 3.91 3.14
N GLU B 339 -18.02 3.75 2.30
CA GLU B 339 -16.72 3.32 2.80
C GLU B 339 -16.09 4.37 3.71
N ARG B 340 -16.24 5.66 3.38
CA ARG B 340 -15.71 6.70 4.25
C ARG B 340 -16.40 6.67 5.61
N ALA B 341 -17.72 6.44 5.62
CA ALA B 341 -18.44 6.31 6.89
C ALA B 341 -17.91 5.10 7.70
N LEU B 342 -17.54 4.02 7.01
CA LEU B 342 -17.09 2.82 7.73
C LEU B 342 -15.70 3.01 8.33
N LEU B 343 -14.79 3.63 7.59
CA LEU B 343 -13.50 4.02 8.15
C LEU B 343 -13.67 4.94 9.35
N LYS B 344 -14.60 5.89 9.27
CA LYS B 344 -14.91 6.73 10.44
C LYS B 344 -15.31 5.89 11.65
N LEU B 345 -16.16 4.89 11.47
CA LEU B 345 -16.53 4.02 12.59
C LEU B 345 -15.30 3.30 13.14
N LEU B 346 -14.47 2.74 12.25
CA LEU B 346 -13.26 2.03 12.67
C LEU B 346 -12.33 2.90 13.50
N GLU B 347 -12.12 4.14 13.08
CA GLU B 347 -11.15 5.05 13.70
C GLU B 347 -11.73 5.81 14.89
N GLY B 348 -13.04 5.82 15.05
CA GLY B 348 -13.65 6.62 16.09
C GLY B 348 -13.65 5.94 17.45
N PRO B 349 -14.39 6.53 18.38
CA PRO B 349 -14.32 6.10 19.79
C PRO B 349 -15.02 4.79 20.08
N ARG B 350 -15.73 4.22 19.11
CA ARG B 350 -16.31 2.89 19.33
C ARG B 350 -15.31 1.78 19.05
N PHE B 351 -14.21 2.07 18.34
CA PHE B 351 -13.19 1.06 18.11
C PHE B 351 -11.81 1.66 18.36
N CYS B 352 -10.99 1.84 17.33
CA CYS B 352 -9.59 2.19 17.55
C CYS B 352 -9.43 3.53 18.25
N GLY B 353 -10.42 4.41 18.17
CA GLY B 353 -10.29 5.67 18.84
C GLY B 353 -10.77 5.69 20.26
N HIS B 354 -11.12 4.56 20.85
CA HIS B 354 -11.65 4.58 22.19
C HIS B 354 -10.59 5.14 23.16
N PRO B 355 -10.93 6.10 24.00
CA PRO B 355 -9.89 6.79 24.78
C PRO B 355 -9.19 5.90 25.81
N ASP B 356 -9.77 4.77 26.20
CA ASP B 356 -9.18 3.92 27.24
C ASP B 356 -8.27 2.85 26.68
N LEU B 357 -8.16 2.73 25.36
CA LEU B 357 -7.33 1.67 24.80
C LEU B 357 -5.85 1.98 25.01
N LYS B 358 -5.10 0.95 25.40
CA LYS B 358 -3.66 1.12 25.54
C LYS B 358 -2.97 1.29 24.18
N TYR B 359 -3.42 0.57 23.16
CA TYR B 359 -2.85 0.67 21.82
C TYR B 359 -3.94 1.07 20.84
N GLY B 360 -3.53 1.69 19.75
CA GLY B 360 -4.46 2.03 18.69
C GLY B 360 -4.73 0.82 17.81
N LEU B 361 -5.45 -0.15 18.33
CA LEU B 361 -5.66 -1.42 17.64
C LEU B 361 -7.15 -1.73 17.65
N ILE B 362 -7.56 -2.75 16.90
CA ILE B 362 -8.97 -3.06 16.72
C ILE B 362 -9.35 -4.10 17.77
N PRO B 363 -10.22 -3.77 18.72
CA PRO B 363 -10.68 -4.78 19.68
C PRO B 363 -11.71 -5.69 19.01
N SER B 364 -11.76 -6.94 19.47
CA SER B 364 -12.66 -7.88 18.81
C SER B 364 -14.12 -7.46 18.96
N THR B 365 -14.46 -6.77 20.04
CA THR B 365 -15.81 -6.28 20.26
C THR B 365 -15.70 -4.83 20.74
N SER B 366 -16.63 -3.99 20.33
CA SER B 366 -16.52 -2.59 20.69
C SER B 366 -16.61 -2.39 22.20
N PRO B 367 -15.69 -1.64 22.80
CA PRO B 367 -15.79 -1.37 24.26
C PRO B 367 -17.09 -0.73 24.68
N VAL B 368 -17.81 -0.05 23.79
CA VAL B 368 -19.08 0.58 24.20
C VAL B 368 -20.27 -0.35 24.00
N SER B 369 -20.09 -1.50 23.38
CA SER B 369 -21.17 -2.47 23.22
C SER B 369 -21.50 -3.14 24.55
N ARG B 370 -22.80 -3.36 24.80
CA ARG B 370 -23.23 -4.08 25.99
C ARG B 370 -22.61 -5.48 26.07
N ASP B 371 -22.18 -6.03 24.95
CA ASP B 371 -21.62 -7.37 24.87
C ASP B 371 -20.15 -7.42 25.28
N PHE B 372 -19.52 -6.26 25.46
CA PHE B 372 -18.09 -6.17 25.69
C PHE B 372 -17.70 -6.82 27.03
N ARG B 373 -16.67 -7.68 26.97
CA ARG B 373 -16.06 -8.28 28.15
C ARG B 373 -14.55 -8.20 27.91
N PRO B 374 -13.81 -7.45 28.73
CA PRO B 374 -12.41 -7.13 28.38
C PRO B 374 -11.45 -8.33 28.38
N ARG B 375 -11.79 -9.42 29.05
CA ARG B 375 -10.88 -10.56 29.13
C ARG B 375 -11.37 -11.76 28.33
N GLU B 376 -12.59 -11.72 27.81
CA GLU B 376 -13.30 -12.94 27.46
C GLU B 376 -13.19 -13.25 25.97
N TYR B 377 -11.95 -13.57 25.54
CA TYR B 377 -11.70 -14.27 24.28
C TYR B 377 -12.00 -13.38 23.07
N TRP B 378 -13.09 -13.63 22.33
CA TRP B 378 -13.50 -12.79 21.22
C TRP B 378 -14.59 -11.78 21.60
N ARG B 379 -14.86 -11.60 22.89
CA ARG B 379 -15.87 -10.66 23.31
C ARG B 379 -15.30 -9.28 23.66
N GLY B 380 -14.10 -8.94 23.19
CA GLY B 380 -13.51 -7.67 23.52
C GLY B 380 -12.01 -7.53 23.32
N PRO B 381 -11.22 -8.56 23.73
CA PRO B 381 -9.76 -8.46 23.57
C PRO B 381 -9.23 -8.15 22.17
N VAL B 382 -8.03 -7.61 22.16
CA VAL B 382 -7.29 -7.33 20.93
C VAL B 382 -6.47 -8.56 20.53
N TRP B 383 -6.61 -8.99 19.28
CA TRP B 383 -5.95 -10.15 18.71
C TRP B 383 -4.94 -9.73 17.65
N PRO B 384 -3.64 -9.97 17.85
CA PRO B 384 -2.65 -9.62 16.80
C PRO B 384 -2.96 -10.20 15.43
N VAL B 385 -3.62 -11.36 15.37
CA VAL B 385 -3.95 -11.95 14.09
C VAL B 385 -4.89 -11.05 13.30
N LEU B 386 -5.87 -10.43 13.96
CA LEU B 386 -6.70 -9.46 13.26
C LEU B 386 -5.91 -8.22 12.86
N THR B 387 -5.05 -7.73 13.76
CA THR B 387 -4.19 -6.60 13.42
C THR B 387 -3.42 -6.88 12.14
N TRP B 388 -2.80 -8.06 12.07
CA TRP B 388 -2.02 -8.43 10.89
C TRP B 388 -2.89 -8.47 9.65
N LEU B 389 -4.04 -9.14 9.76
N LEU B 389 -4.05 -9.13 9.75
CA LEU B 389 -4.92 -9.32 8.61
CA LEU B 389 -4.90 -9.31 8.58
C LEU B 389 -5.44 -7.97 8.09
C LEU B 389 -5.49 -7.99 8.09
N PHE B 390 -5.93 -7.13 9.01
CA PHE B 390 -6.41 -5.81 8.59
C PHE B 390 -5.30 -4.98 7.97
N SER B 391 -4.09 -5.03 8.55
N SER B 391 -4.11 -5.02 8.57
CA SER B 391 -2.98 -4.23 8.05
CA SER B 391 -2.99 -4.24 8.04
C SER B 391 -2.53 -4.71 6.68
C SER B 391 -2.59 -4.70 6.66
N TRP B 392 -2.51 -6.02 6.46
CA TRP B 392 -2.12 -6.52 5.14
C TRP B 392 -3.18 -6.18 4.11
N CYS B 393 -4.47 -6.33 4.47
CA CYS B 393 -5.54 -5.99 3.54
C CYS B 393 -5.63 -4.48 3.30
N PHE B 394 -5.37 -3.66 4.32
CA PHE B 394 -5.35 -2.20 4.12
C PHE B 394 -4.24 -1.79 3.15
N ALA B 395 -3.04 -2.38 3.28
CA ALA B 395 -1.95 -2.06 2.37
C ALA B 395 -2.33 -2.39 0.93
N ARG B 396 -3.02 -3.52 0.74
CA ARG B 396 -3.49 -3.93 -0.56
C ARG B 396 -4.57 -3.00 -1.12
N ARG B 397 -5.38 -2.37 -0.26
CA ARG B 397 -6.30 -1.33 -0.74
C ARG B 397 -5.57 -0.04 -1.14
N GLY B 398 -4.27 0.08 -0.84
CA GLY B 398 -3.56 1.34 -1.07
C GLY B 398 -3.52 2.30 0.11
N TRP B 399 -3.97 1.86 1.29
CA TRP B 399 -4.04 2.71 2.48
C TRP B 399 -2.75 2.51 3.29
N ALA B 400 -1.65 2.99 2.72
CA ALA B 400 -0.34 2.65 3.24
C ALA B 400 -0.17 3.14 4.67
N GLU B 401 -0.59 4.37 4.95
CA GLU B 401 -0.43 4.93 6.28
C GLU B 401 -1.31 4.22 7.31
N ARG B 402 -2.56 3.87 6.96
CA ARG B 402 -3.39 3.12 7.91
C ARG B 402 -2.77 1.76 8.20
N ALA B 403 -2.27 1.07 7.17
CA ALA B 403 -1.61 -0.21 7.40
C ALA B 403 -0.37 -0.05 8.26
N ARG B 404 0.39 1.03 8.03
CA ARG B 404 1.62 1.22 8.80
C ARG B 404 1.32 1.46 10.27
N LEU B 405 0.25 2.21 10.56
CA LEU B 405 -0.09 2.52 11.96
C LEU B 405 -0.47 1.25 12.71
N LEU B 406 -1.26 0.38 12.07
CA LEU B 406 -1.65 -0.87 12.71
C LEU B 406 -0.44 -1.73 12.99
N ARG B 407 0.48 -1.80 12.02
CA ARG B 407 1.70 -2.57 12.17
C ARG B 407 2.55 -2.02 13.32
N GLN B 408 2.61 -0.69 13.43
CA GLN B 408 3.44 -0.09 14.48
C GLN B 408 2.88 -0.38 15.86
N GLU B 409 1.56 -0.23 16.03
CA GLU B 409 0.94 -0.53 17.32
C GLU B 409 0.97 -2.03 17.63
N GLY B 410 0.86 -2.88 16.61
CA GLY B 410 0.97 -4.31 16.82
C GLY B 410 2.35 -4.72 17.29
N LEU B 411 3.40 -4.17 16.68
CA LEU B 411 4.75 -4.46 17.14
C LEU B 411 4.97 -3.95 18.57
N ARG B 412 4.46 -2.76 18.87
CA ARG B 412 4.60 -2.21 20.21
C ARG B 412 3.87 -3.07 21.25
N GLN B 413 2.68 -3.56 20.92
CA GLN B 413 1.99 -4.47 21.83
C GLN B 413 2.73 -5.80 21.96
N ALA B 414 3.27 -6.33 20.86
CA ALA B 414 3.98 -7.60 20.87
C ALA B 414 5.34 -7.54 21.55
N SER B 415 5.86 -6.34 21.83
CA SER B 415 7.27 -6.30 22.15
C SER B 415 7.58 -6.78 23.57
N ASP B 416 6.57 -7.24 24.32
CA ASP B 416 6.86 -7.90 25.60
C ASP B 416 7.38 -9.33 25.39
N GLY B 417 7.23 -9.89 24.21
CA GLY B 417 7.70 -11.24 23.92
C GLY B 417 6.85 -12.37 24.48
N SER B 418 5.62 -12.10 24.91
CA SER B 418 4.73 -13.16 25.35
C SER B 418 4.19 -13.97 24.18
N PHE B 419 4.04 -13.34 23.02
CA PHE B 419 3.39 -13.96 21.86
C PHE B 419 2.05 -14.57 22.26
N ALA B 420 1.28 -13.79 23.03
CA ALA B 420 -0.08 -14.16 23.38
C ALA B 420 -0.98 -14.06 22.16
N ALA B 421 -2.06 -14.85 22.18
CA ALA B 421 -3.03 -14.76 21.09
C ALA B 421 -3.96 -13.57 21.24
N TYR B 422 -4.23 -13.11 22.47
CA TYR B 422 -5.05 -11.91 22.64
C TYR B 422 -4.63 -11.16 23.89
N TYR B 423 -4.96 -9.86 23.94
CA TYR B 423 -4.48 -8.97 24.99
C TYR B 423 -5.65 -8.18 25.55
N GLU B 424 -5.57 -7.88 26.83
CA GLU B 424 -6.57 -7.04 27.46
C GLU B 424 -6.50 -5.65 26.83
N PRO B 425 -7.62 -5.09 26.36
CA PRO B 425 -7.55 -3.89 25.53
C PRO B 425 -7.12 -2.63 26.27
N PHE B 426 -7.34 -2.57 27.59
CA PHE B 426 -7.08 -1.37 28.37
C PHE B 426 -5.75 -1.40 29.09
N THR B 427 -5.37 -2.56 29.62
CA THR B 427 -4.12 -2.75 30.36
C THR B 427 -3.00 -3.31 29.50
N GLY B 428 -3.31 -3.93 28.36
CA GLY B 428 -2.31 -4.63 27.58
C GLY B 428 -1.90 -5.98 28.12
N GLU B 429 -2.52 -6.47 29.18
CA GLU B 429 -2.15 -7.76 29.76
C GLU B 429 -2.30 -8.89 28.74
N PRO B 430 -1.28 -9.73 28.56
CA PRO B 430 -1.45 -10.91 27.70
C PRO B 430 -2.45 -11.89 28.31
N LEU B 431 -3.26 -12.50 27.45
CA LEU B 431 -4.32 -13.41 27.88
C LEU B 431 -4.27 -14.69 27.05
N GLY B 432 -4.93 -15.72 27.57
CA GLY B 432 -4.97 -16.96 26.82
C GLY B 432 -3.64 -17.68 26.90
N SER B 433 -3.34 -18.43 25.86
CA SER B 433 -2.05 -19.12 25.78
C SER B 433 -0.94 -18.14 25.39
N MET B 434 0.20 -18.24 26.08
CA MET B 434 1.40 -17.65 25.54
C MET B 434 1.95 -18.57 24.46
N GLN B 435 3.00 -18.12 23.79
CA GLN B 435 3.70 -18.97 22.81
C GLN B 435 2.77 -19.43 21.69
N GLN B 436 1.86 -18.54 21.27
N GLN B 436 1.88 -18.55 21.26
CA GLN B 436 0.96 -18.80 20.17
CA GLN B 436 0.96 -18.83 20.17
C GLN B 436 1.70 -18.59 18.85
C GLN B 436 1.67 -18.59 18.85
N SER B 437 1.73 -19.63 18.01
CA SER B 437 2.54 -19.58 16.79
C SER B 437 2.15 -18.43 15.87
N TRP B 438 0.85 -18.15 15.68
CA TRP B 438 0.51 -17.14 14.67
C TRP B 438 0.78 -15.72 15.15
N THR B 439 0.92 -15.49 16.45
CA THR B 439 1.40 -14.17 16.90
C THR B 439 2.89 -14.01 16.64
N ALA B 440 3.69 -15.06 16.84
CA ALA B 440 5.10 -15.00 16.45
C ALA B 440 5.24 -14.80 14.96
N ALA B 441 4.37 -15.44 14.17
CA ALA B 441 4.37 -15.27 12.72
C ALA B 441 4.08 -13.84 12.30
N ALA B 442 3.08 -13.22 12.92
CA ALA B 442 2.73 -11.87 12.54
C ALA B 442 3.90 -10.93 12.80
N VAL B 443 4.59 -11.13 13.94
CA VAL B 443 5.74 -10.32 14.32
C VAL B 443 6.88 -10.49 13.32
N LEU B 444 7.20 -11.74 12.99
CA LEU B 444 8.19 -12.03 11.95
C LEU B 444 7.85 -11.35 10.62
N ASP B 445 6.59 -11.40 10.20
CA ASP B 445 6.25 -10.78 8.93
C ASP B 445 6.34 -9.26 9.02
N TRP B 446 5.84 -8.69 10.12
CA TRP B 446 5.90 -7.24 10.32
C TRP B 446 7.33 -6.72 10.40
N LEU B 447 8.19 -7.41 11.16
CA LEU B 447 9.53 -6.89 11.40
C LEU B 447 10.35 -6.87 10.13
N GLY B 448 10.15 -7.85 9.25
CA GLY B 448 10.93 -7.90 8.03
C GLY B 448 12.41 -7.86 8.40
#